data_4LZ7
#
_entry.id   4LZ7
#
_cell.length_a   114.380
_cell.length_b   164.344
_cell.length_c   47.402
_cell.angle_alpha   90.000
_cell.angle_beta   90.000
_cell.angle_gamma   90.000
#
_symmetry.space_group_name_H-M   'P 21 21 2'
#
loop_
_entity.id
_entity.type
_entity.pdbx_description
1 polymer 'Glutamate receptor 2'
2 non-polymer 'ZINC ION'
3 non-polymer 'GLUTAMIC ACID'
4 non-polymer N-({(5S)-3-[3-fluoro-4-(pyrrolidin-1-yl)phenyl]-4,5-dihydro-1,2-oxazol-5-yl}methyl)acetamide
5 water water
#
_entity_poly.entity_id   1
_entity_poly.type   'polypeptide(L)'
_entity_poly.pdbx_seq_one_letter_code
;GSAMGSGNDTSRGANKTVVVTTILESPYVMMKKNHEMLEGNERYEGYCVDLAAEIAKHCGFKYKLTIVGDGKYGARDADT
KIWNGMVGELVYGKADIAIAPLTITLVREEVIDFSKPFMSLGISIMIKKGTPIESAEDLSKQTEIAYGTLDSGSTKEFFR
RSKIAVFDKMWTYMRSAEPSVFVRTTAEGVARVRKSKGKYAYLLESTMNEYIEQRKPCDTMKVGGNLDSKGYGIATPKGS
SLGNAVNLAVLKLNEQGLLDKLKNKWWYDKGECGS
;
_entity_poly.pdbx_strand_id   A,B,C
#
loop_
_chem_comp.id
_chem_comp.type
_chem_comp.name
_chem_comp.formula
1YW non-polymer N-({(5S)-3-[3-fluoro-4-(pyrrolidin-1-yl)phenyl]-4,5-dihydro-1,2-oxazol-5-yl}methyl)acetamide 'C16 H20 F N3 O2'
ZN non-polymer 'ZINC ION' 'Zn 2'
#
# COMPACT_ATOMS: atom_id res chain seq x y z
N LYS A 16 21.13 2.56 -8.67
CA LYS A 16 21.31 3.93 -8.13
C LYS A 16 20.09 4.34 -7.32
N THR A 17 20.19 5.51 -6.68
CA THR A 17 19.02 6.14 -6.04
C THR A 17 17.93 6.63 -7.04
N VAL A 18 16.71 6.14 -6.83
CA VAL A 18 15.57 6.38 -7.69
C VAL A 18 15.00 7.79 -7.44
N VAL A 19 14.93 8.62 -8.47
CA VAL A 19 14.40 9.97 -8.29
C VAL A 19 12.90 9.88 -8.49
N VAL A 20 12.15 10.20 -7.44
CA VAL A 20 10.69 10.20 -7.46
C VAL A 20 10.22 11.62 -7.68
N THR A 21 9.40 11.79 -8.70
CA THR A 21 8.66 13.03 -8.89
C THR A 21 7.26 12.90 -8.31
N THR A 22 6.87 13.96 -7.60
CA THR A 22 5.55 14.03 -7.01
C THR A 22 5.11 15.50 -6.93
N ILE A 23 3.96 15.76 -6.34
CA ILE A 23 3.33 17.09 -6.35
C ILE A 23 2.71 17.35 -4.96
N LEU A 24 2.74 18.62 -4.57
CA LEU A 24 2.21 19.04 -3.30
C LEU A 24 0.70 19.19 -3.47
N GLU A 25 -0.05 18.17 -3.06
CA GLU A 25 -1.47 18.10 -3.23
C GLU A 25 -1.95 17.33 -2.01
N SER A 26 -2.80 17.95 -1.17
CA SER A 26 -3.26 17.26 0.02
C SER A 26 -4.36 16.24 -0.30
N PRO A 27 -4.38 15.12 0.43
CA PRO A 27 -3.48 14.65 1.50
C PRO A 27 -2.35 13.76 1.01
N TYR A 28 -1.95 13.92 -0.24
CA TYR A 28 -1.05 13.00 -0.91
C TYR A 28 0.42 13.25 -0.51
N VAL A 29 0.82 14.52 -0.58
CA VAL A 29 2.14 14.93 -0.22
C VAL A 29 1.97 16.33 0.32
N MET A 30 2.43 16.56 1.54
CA MET A 30 2.32 17.87 2.20
C MET A 30 3.62 18.09 2.94
N MET A 31 3.98 19.36 3.15
CA MET A 31 5.13 19.70 3.99
C MET A 31 4.81 19.37 5.44
N LYS A 32 5.71 18.67 6.13
CA LYS A 32 5.57 18.51 7.58
C LYS A 32 5.72 19.86 8.23
N LYS A 33 5.06 20.06 9.38
CA LYS A 33 5.04 21.38 10.03
C LYS A 33 6.43 21.83 10.41
N ASN A 34 7.31 20.87 10.71
CA ASN A 34 8.70 21.17 11.08
C ASN A 34 9.73 20.83 9.99
N HIS A 35 9.30 20.85 8.71
CA HIS A 35 10.11 20.38 7.60
C HIS A 35 11.52 21.02 7.52
N GLU A 36 11.66 22.26 8.00
CA GLU A 36 12.89 23.02 7.87
C GLU A 36 14.06 22.50 8.74
N MET A 37 13.68 21.80 9.80
CA MET A 37 14.59 21.09 10.70
C MET A 37 14.83 19.61 10.27
N LEU A 38 14.11 19.16 9.24
CA LEU A 38 14.24 17.81 8.71
C LEU A 38 14.93 17.81 7.32
N GLU A 39 15.31 16.62 6.83
CA GLU A 39 16.04 16.51 5.57
C GLU A 39 15.52 15.43 4.70
N GLY A 40 15.73 15.62 3.41
CA GLY A 40 15.42 14.60 2.43
C GLY A 40 13.95 14.25 2.45
N ASN A 41 13.70 12.96 2.31
CA ASN A 41 12.33 12.41 2.31
C ASN A 41 11.51 12.74 3.58
N GLU A 42 12.21 13.05 4.67
CA GLU A 42 11.58 13.22 6.00
C GLU A 42 10.86 14.55 6.12
N ARG A 43 11.10 15.45 5.17
CA ARG A 43 10.40 16.75 5.12
C ARG A 43 8.88 16.62 4.79
N TYR A 44 8.48 15.52 4.18
CA TYR A 44 7.12 15.39 3.62
C TYR A 44 6.31 14.35 4.33
N GLU A 45 5.00 14.47 4.23
CA GLU A 45 4.08 13.50 4.76
C GLU A 45 2.85 13.43 3.85
N GLY A 46 2.12 12.31 3.92
CA GLY A 46 0.91 12.18 3.17
C GLY A 46 0.76 10.76 2.62
N TYR A 47 -0.39 10.51 2.02
CA TYR A 47 -0.71 9.20 1.42
C TYR A 47 0.39 8.71 0.43
N CYS A 48 0.89 9.60 -0.41
CA CYS A 48 1.88 9.21 -1.44
C CYS A 48 3.31 9.11 -0.88
N VAL A 49 3.57 9.75 0.24
CA VAL A 49 4.84 9.54 0.98
C VAL A 49 4.88 8.14 1.60
N ASP A 50 3.83 7.78 2.31
CA ASP A 50 3.70 6.41 2.82
C ASP A 50 3.74 5.37 1.71
N LEU A 51 3.07 5.65 0.60
CA LEU A 51 2.99 4.67 -0.48
C LEU A 51 4.36 4.52 -1.14
N ALA A 52 5.04 5.64 -1.34
CA ALA A 52 6.40 5.65 -1.88
C ALA A 52 7.35 4.82 -1.05
N ALA A 53 7.30 4.97 0.27
CA ALA A 53 8.15 4.21 1.18
C ALA A 53 7.90 2.71 1.01
N GLU A 54 6.62 2.35 0.93
CA GLU A 54 6.23 0.94 0.77
C GLU A 54 6.62 0.33 -0.60
N ILE A 55 6.37 1.07 -1.67
CA ILE A 55 6.80 0.66 -3.03
C ILE A 55 8.32 0.41 -3.08
N ALA A 56 9.09 1.37 -2.53
CA ALA A 56 10.57 1.28 -2.48
C ALA A 56 11.01 0.01 -1.74
N LYS A 57 10.38 -0.21 -0.60
CA LYS A 57 10.68 -1.34 0.28
C LYS A 57 10.48 -2.70 -0.44
N HIS A 58 9.36 -2.80 -1.16
CA HIS A 58 8.94 -4.03 -1.78
C HIS A 58 9.67 -4.20 -3.07
N CYS A 59 10.05 -3.12 -3.71
CA CYS A 59 10.85 -3.25 -4.92
C CYS A 59 12.35 -3.27 -4.68
N GLY A 60 12.78 -3.10 -3.44
CA GLY A 60 14.18 -3.13 -3.08
C GLY A 60 15.03 -1.97 -3.59
N PHE A 61 14.50 -0.75 -3.52
CA PHE A 61 15.26 0.41 -3.99
C PHE A 61 15.28 1.59 -3.02
N LYS A 62 16.37 2.34 -3.09
CA LYS A 62 16.54 3.63 -2.41
C LYS A 62 16.00 4.72 -3.34
N TYR A 63 15.47 5.79 -2.74
CA TYR A 63 14.76 6.82 -3.50
C TYR A 63 14.85 8.24 -2.90
N LYS A 64 14.58 9.22 -3.77
CA LYS A 64 14.61 10.61 -3.40
C LYS A 64 13.34 11.22 -3.89
N LEU A 65 12.49 11.68 -2.95
CA LEU A 65 11.29 12.46 -3.31
C LEU A 65 11.68 13.87 -3.74
N THR A 66 11.13 14.27 -4.89
CA THR A 66 11.27 15.61 -5.43
C THR A 66 9.91 16.14 -5.84
N ILE A 67 9.69 17.42 -5.58
CA ILE A 67 8.45 18.08 -6.00
C ILE A 67 8.63 18.58 -7.45
N VAL A 68 7.72 18.19 -8.30
CA VAL A 68 7.73 18.61 -9.68
C VAL A 68 7.97 20.12 -9.78
N GLY A 69 8.87 20.52 -10.66
CA GLY A 69 9.33 21.90 -10.73
C GLY A 69 8.28 22.93 -11.09
N ASP A 70 7.49 22.63 -12.12
CA ASP A 70 6.44 23.55 -12.59
C ASP A 70 5.11 23.40 -11.84
N GLY A 71 5.10 22.48 -10.88
CA GLY A 71 3.94 22.18 -10.06
C GLY A 71 2.72 21.66 -10.79
N LYS A 72 2.94 20.98 -11.91
CA LYS A 72 1.85 20.51 -12.77
C LYS A 72 1.75 18.99 -12.88
N TYR A 73 0.60 18.50 -13.28
CA TYR A 73 0.40 17.06 -13.43
C TYR A 73 0.99 16.56 -14.75
N GLY A 74 0.58 17.14 -15.85
CA GLY A 74 1.17 16.82 -17.10
C GLY A 74 0.24 16.91 -18.27
N ALA A 75 0.54 17.86 -19.15
CA ALA A 75 -0.19 18.03 -20.40
C ALA A 75 0.83 18.26 -21.54
N ARG A 76 0.45 17.94 -22.77
CA ARG A 76 1.26 18.25 -23.94
C ARG A 76 0.75 19.52 -24.64
N ASP A 77 1.59 20.56 -24.65
CA ASP A 77 1.33 21.75 -25.43
C ASP A 77 0.97 21.41 -26.88
N ALA A 78 -0.17 21.94 -27.35
CA ALA A 78 -0.61 21.72 -28.74
C ALA A 78 0.41 22.23 -29.76
N ASP A 79 1.05 23.35 -29.46
CA ASP A 79 1.92 24.00 -30.47
C ASP A 79 3.39 23.59 -30.39
N THR A 80 3.98 23.72 -29.20
CA THR A 80 5.39 23.32 -29.00
C THR A 80 5.59 21.80 -28.91
N LYS A 81 4.57 21.09 -28.41
CA LYS A 81 4.59 19.62 -28.30
C LYS A 81 5.36 19.05 -27.09
N ILE A 82 5.78 19.94 -26.22
CA ILE A 82 6.50 19.58 -25.03
C ILE A 82 5.51 19.19 -23.94
N TRP A 83 5.85 18.14 -23.22
CA TRP A 83 5.10 17.71 -22.08
C TRP A 83 5.61 18.45 -20.86
N ASN A 84 4.66 18.99 -20.07
CA ASN A 84 5.01 19.63 -18.82
C ASN A 84 4.68 18.67 -17.66
N GLY A 85 4.85 19.18 -16.45
CA GLY A 85 4.42 18.48 -15.25
C GLY A 85 5.19 17.22 -14.95
N MET A 86 4.61 16.36 -14.12
CA MET A 86 5.28 15.16 -13.72
C MET A 86 5.51 14.22 -14.92
N VAL A 87 4.56 14.23 -15.86
CA VAL A 87 4.69 13.44 -17.07
C VAL A 87 5.94 13.87 -17.82
N GLY A 88 6.11 15.18 -18.01
CA GLY A 88 7.28 15.71 -18.66
C GLY A 88 8.56 15.34 -17.96
N GLU A 89 8.60 15.38 -16.63
CA GLU A 89 9.86 14.96 -15.92
C GLU A 89 10.27 13.52 -16.30
N LEU A 90 9.27 12.65 -16.46
CA LEU A 90 9.49 11.27 -16.86
C LEU A 90 9.89 11.16 -18.30
N VAL A 91 9.22 11.91 -19.17
CA VAL A 91 9.48 11.87 -20.60
C VAL A 91 10.89 12.35 -20.97
N TYR A 92 11.36 13.39 -20.28
CA TYR A 92 12.63 13.95 -20.59
C TYR A 92 13.76 13.39 -19.71
N GLY A 93 13.45 12.42 -18.86
CA GLY A 93 14.46 11.76 -18.03
C GLY A 93 14.95 12.52 -16.79
N LYS A 94 14.13 13.42 -16.26
CA LYS A 94 14.47 14.15 -15.05
C LYS A 94 14.09 13.30 -13.81
N ALA A 95 13.05 12.50 -13.93
CA ALA A 95 12.66 11.59 -12.83
C ALA A 95 12.58 10.13 -13.32
N ASP A 96 12.65 9.19 -12.38
CA ASP A 96 12.64 7.76 -12.68
C ASP A 96 11.24 7.12 -12.46
N ILE A 97 10.41 7.79 -11.68
CA ILE A 97 9.10 7.31 -11.28
C ILE A 97 8.29 8.49 -10.74
N ALA A 98 7.00 8.48 -11.01
CA ALA A 98 6.06 9.44 -10.46
C ALA A 98 5.13 8.70 -9.53
N ILE A 99 5.00 9.21 -8.32
CA ILE A 99 4.16 8.56 -7.26
C ILE A 99 3.31 9.69 -6.71
N ALA A 100 2.13 9.78 -7.26
CA ALA A 100 1.31 10.98 -7.21
C ALA A 100 -0.11 10.63 -7.63
N PRO A 101 -1.09 11.51 -7.27
CA PRO A 101 -2.43 11.33 -7.79
C PRO A 101 -2.55 11.67 -9.28
N LEU A 102 -1.87 10.85 -10.08
CA LEU A 102 -1.67 11.05 -11.52
C LEU A 102 -2.64 10.14 -12.25
N THR A 103 -3.50 10.74 -13.06
CA THR A 103 -4.60 9.99 -13.61
C THR A 103 -4.15 9.21 -14.84
N ILE A 104 -4.43 7.90 -14.86
CA ILE A 104 -4.17 7.05 -16.03
C ILE A 104 -5.09 7.47 -17.20
N THR A 105 -4.49 7.98 -18.27
CA THR A 105 -5.19 8.37 -19.51
C THR A 105 -4.44 7.81 -20.73
N LEU A 106 -5.16 7.69 -21.82
CA LEU A 106 -4.65 7.18 -23.06
C LEU A 106 -3.51 8.04 -23.62
N VAL A 107 -3.68 9.37 -23.63
CA VAL A 107 -2.64 10.25 -24.18
C VAL A 107 -1.33 10.12 -23.39
N ARG A 108 -1.47 9.91 -22.09
CA ARG A 108 -0.30 9.71 -21.25
C ARG A 108 0.32 8.33 -21.39
N GLU A 109 -0.51 7.31 -21.47
CA GLU A 109 -0.07 5.96 -21.62
C GLU A 109 0.66 5.71 -22.93
N GLU A 110 0.47 6.57 -23.91
CA GLU A 110 1.22 6.51 -25.16
C GLU A 110 2.69 6.98 -25.01
N VAL A 111 3.03 7.73 -23.97
CA VAL A 111 4.40 8.26 -23.79
C VAL A 111 5.05 7.80 -22.49
N ILE A 112 4.25 7.28 -21.57
CA ILE A 112 4.78 6.75 -20.29
C ILE A 112 3.99 5.50 -19.88
N ASP A 113 4.56 4.77 -18.93
CA ASP A 113 3.97 3.53 -18.45
C ASP A 113 3.28 3.75 -17.13
N PHE A 114 2.14 3.12 -16.93
CA PHE A 114 1.44 3.14 -15.63
C PHE A 114 1.29 1.75 -15.07
N SER A 115 1.44 1.66 -13.75
CA SER A 115 0.98 0.51 -13.00
C SER A 115 -0.54 0.37 -13.09
N LYS A 116 -1.01 -0.81 -12.77
CA LYS A 116 -2.40 -0.91 -12.38
C LYS A 116 -2.73 0.18 -11.32
N PRO A 117 -3.98 0.61 -11.27
CA PRO A 117 -4.29 1.78 -10.42
C PRO A 117 -4.23 1.50 -8.93
N PHE A 118 -3.79 2.48 -8.13
CA PHE A 118 -3.76 2.27 -6.67
C PHE A 118 -4.93 2.95 -5.94
N MET A 119 -5.71 3.75 -6.66
CA MET A 119 -6.85 4.46 -6.11
C MET A 119 -7.82 4.81 -7.22
N SER A 120 -9.10 4.69 -6.95
CA SER A 120 -10.13 5.04 -7.90
C SER A 120 -10.66 6.45 -7.62
N LEU A 121 -11.16 7.06 -8.69
CA LEU A 121 -11.76 8.40 -8.64
C LEU A 121 -12.65 8.64 -9.86
N GLY A 122 -13.46 9.69 -9.75
CA GLY A 122 -14.22 10.25 -10.84
C GLY A 122 -14.28 11.75 -10.69
N ILE A 123 -14.45 12.45 -11.79
CA ILE A 123 -14.67 13.89 -11.72
C ILE A 123 -15.98 14.13 -10.95
N SER A 124 -16.01 15.16 -10.13
CA SER A 124 -17.13 15.38 -9.21
C SER A 124 -17.31 16.87 -9.07
N ILE A 125 -18.39 17.30 -8.43
CA ILE A 125 -18.64 18.72 -8.22
C ILE A 125 -18.54 19.13 -6.75
N MET A 126 -17.81 20.21 -6.52
CA MET A 126 -17.65 20.85 -5.22
C MET A 126 -18.38 22.15 -5.23
N ILE A 127 -19.30 22.29 -4.29
CA ILE A 127 -20.01 23.54 -4.07
C ILE A 127 -19.73 24.06 -2.66
N LYS A 128 -19.83 25.38 -2.50
CA LYS A 128 -20.11 25.91 -1.18
C LYS A 128 -21.52 25.44 -0.74
N LYS A 129 -21.65 25.08 0.55
CA LYS A 129 -22.92 24.56 1.07
C LYS A 129 -24.03 25.58 0.85
N GLY A 130 -25.18 25.02 0.44
CA GLY A 130 -26.37 25.78 0.17
C GLY A 130 -26.48 26.27 -1.26
N THR A 131 -25.44 26.07 -2.05
CA THR A 131 -25.51 26.36 -3.46
C THR A 131 -26.57 25.44 -4.04
N PRO A 132 -27.64 26.12 -4.96
CA PRO A 132 -28.71 25.30 -5.57
C PRO A 132 -28.26 24.54 -6.84
N ILE A 133 -27.34 23.60 -6.66
CA ILE A 133 -26.82 22.77 -7.74
C ILE A 133 -26.74 21.34 -7.22
N GLU A 134 -27.35 20.40 -7.94
CA GLU A 134 -27.26 18.98 -7.60
C GLU A 134 -26.51 18.10 -8.61
N SER A 135 -26.20 18.64 -9.79
CA SER A 135 -25.65 17.82 -10.86
C SER A 135 -24.96 18.69 -11.90
N ALA A 136 -24.24 18.01 -12.78
CA ALA A 136 -23.56 18.61 -13.91
C ALA A 136 -24.65 19.16 -14.87
N GLU A 137 -25.75 18.45 -15.00
CA GLU A 137 -26.85 18.92 -15.84
C GLU A 137 -27.37 20.25 -15.30
N ASP A 138 -27.52 20.36 -13.98
CA ASP A 138 -27.87 21.64 -13.38
C ASP A 138 -26.87 22.75 -13.72
N LEU A 139 -25.58 22.51 -13.59
CA LEU A 139 -24.58 23.51 -13.89
C LEU A 139 -24.74 23.99 -15.33
N SER A 140 -24.84 23.02 -16.23
CA SER A 140 -24.92 23.24 -17.68
C SER A 140 -26.08 24.14 -18.10
N LYS A 141 -27.19 24.07 -17.33
CA LYS A 141 -28.44 24.77 -17.66
C LYS A 141 -28.59 26.16 -17.03
N GLN A 142 -27.50 26.77 -16.57
CA GLN A 142 -27.61 28.05 -15.87
C GLN A 142 -26.30 28.76 -16.00
N THR A 143 -26.30 30.05 -15.68
CA THR A 143 -25.16 30.98 -15.94
C THR A 143 -24.75 31.78 -14.66
N GLU A 144 -25.71 31.99 -13.77
CA GLU A 144 -25.46 32.61 -12.46
C GLU A 144 -24.26 32.05 -11.70
N ILE A 145 -24.16 30.74 -11.60
CA ILE A 145 -23.07 30.11 -10.87
C ILE A 145 -22.04 29.68 -11.92
N ALA A 146 -20.85 30.22 -11.80
CA ALA A 146 -19.72 29.94 -12.67
C ALA A 146 -19.04 28.65 -12.17
N TYR A 147 -18.34 28.00 -13.09
CA TYR A 147 -17.65 26.77 -12.78
C TYR A 147 -16.47 26.51 -13.73
N GLY A 148 -15.46 25.82 -13.19
CA GLY A 148 -14.19 25.57 -13.82
C GLY A 148 -13.44 24.37 -13.23
N THR A 149 -12.25 24.17 -13.76
CA THR A 149 -11.43 23.00 -13.49
C THR A 149 -10.00 23.45 -13.23
N LEU A 150 -9.15 22.52 -12.80
CA LEU A 150 -7.72 22.78 -12.74
C LEU A 150 -7.22 22.96 -14.16
N ASP A 151 -6.34 23.94 -14.32
CA ASP A 151 -5.95 24.46 -15.63
C ASP A 151 -5.28 23.47 -16.58
N SER A 152 -4.66 22.41 -16.03
CA SER A 152 -3.78 21.60 -16.87
C SER A 152 -3.64 20.10 -16.47
N GLY A 153 -4.73 19.48 -16.11
CA GLY A 153 -4.71 18.04 -15.87
C GLY A 153 -5.81 17.30 -16.59
N SER A 154 -6.14 16.12 -16.07
CA SER A 154 -7.05 15.21 -16.74
C SER A 154 -8.48 15.70 -16.76
N THR A 155 -8.86 16.49 -15.76
CA THR A 155 -10.22 16.96 -15.67
C THR A 155 -10.57 17.93 -16.82
N LYS A 156 -9.71 18.94 -17.01
CA LYS A 156 -9.80 19.83 -18.15
C LYS A 156 -9.92 19.09 -19.46
N GLU A 157 -8.95 18.21 -19.74
CA GLU A 157 -8.90 17.43 -20.95
C GLU A 157 -10.14 16.54 -21.13
N PHE A 158 -10.70 16.01 -20.05
CA PHE A 158 -11.97 15.30 -20.13
C PHE A 158 -13.04 16.16 -20.77
N PHE A 159 -13.21 17.38 -20.24
CA PHE A 159 -14.19 18.31 -20.83
C PHE A 159 -13.84 18.72 -22.28
N ARG A 160 -12.58 19.07 -22.53
CA ARG A 160 -12.11 19.43 -23.88
C ARG A 160 -12.49 18.41 -24.97
N ARG A 161 -12.48 17.12 -24.62
CA ARG A 161 -12.62 16.03 -25.59
C ARG A 161 -14.03 15.45 -25.65
N SER A 162 -14.88 15.77 -24.67
CA SER A 162 -16.11 15.00 -24.46
C SER A 162 -17.22 15.25 -25.50
N LYS A 163 -17.91 14.19 -25.88
CA LYS A 163 -18.97 14.29 -26.86
C LYS A 163 -20.40 14.09 -26.32
N ILE A 164 -20.49 13.91 -25.01
CA ILE A 164 -21.76 13.89 -24.26
C ILE A 164 -22.32 15.32 -24.18
N ALA A 165 -23.58 15.49 -24.62
CA ALA A 165 -24.22 16.81 -24.72
C ALA A 165 -23.94 17.74 -23.53
N VAL A 166 -24.13 17.23 -22.32
CA VAL A 166 -24.07 18.02 -21.12
C VAL A 166 -22.66 18.53 -20.90
N PHE A 167 -21.67 17.66 -21.01
CA PHE A 167 -20.27 18.01 -20.78
C PHE A 167 -19.68 18.87 -21.93
N ASP A 168 -20.11 18.63 -23.19
CA ASP A 168 -19.78 19.55 -24.30
C ASP A 168 -20.31 20.95 -24.02
N LYS A 169 -21.54 21.03 -23.53
CA LYS A 169 -22.20 22.29 -23.18
C LYS A 169 -21.42 23.03 -22.10
N MET A 170 -21.01 22.29 -21.07
CA MET A 170 -20.19 22.83 -19.98
C MET A 170 -18.81 23.36 -20.45
N TRP A 171 -18.17 22.57 -21.30
CA TRP A 171 -16.90 22.93 -21.94
C TRP A 171 -16.98 24.20 -22.77
N THR A 172 -18.00 24.28 -23.62
CA THR A 172 -18.23 25.48 -24.44
C THR A 172 -18.33 26.72 -23.58
N TYR A 173 -19.03 26.59 -22.46
CA TYR A 173 -19.05 27.66 -21.48
C TYR A 173 -17.64 27.92 -20.84
N MET A 174 -16.98 26.91 -20.31
CA MET A 174 -15.74 27.12 -19.57
C MET A 174 -14.63 27.71 -20.43
N ARG A 175 -14.47 27.18 -21.64
CA ARG A 175 -13.38 27.63 -22.47
C ARG A 175 -13.51 29.11 -22.84
N SER A 176 -14.74 29.61 -22.88
CA SER A 176 -15.01 30.99 -23.33
C SER A 176 -15.36 31.97 -22.19
N ALA A 177 -15.61 31.42 -21.01
CA ALA A 177 -15.88 32.25 -19.82
C ALA A 177 -14.76 33.29 -19.50
N GLU A 178 -15.17 34.50 -19.16
CA GLU A 178 -14.26 35.57 -18.71
C GLU A 178 -14.81 36.29 -17.48
N PRO A 179 -14.00 36.46 -16.43
CA PRO A 179 -12.59 36.06 -16.30
C PRO A 179 -12.45 34.54 -16.30
N SER A 180 -11.24 34.02 -16.44
CA SER A 180 -11.04 32.57 -16.56
C SER A 180 -11.69 31.84 -15.38
N VAL A 181 -12.31 30.72 -15.70
CA VAL A 181 -12.87 29.85 -14.67
C VAL A 181 -11.87 28.78 -14.23
N PHE A 182 -10.69 28.73 -14.88
CA PHE A 182 -9.68 27.70 -14.61
C PHE A 182 -8.69 28.22 -13.60
N VAL A 183 -8.13 27.30 -12.82
CA VAL A 183 -7.27 27.63 -11.69
C VAL A 183 -5.92 26.91 -11.81
N ARG A 184 -4.91 27.41 -11.12
CA ARG A 184 -3.54 26.86 -11.23
C ARG A 184 -3.33 25.65 -10.32
N THR A 185 -4.04 25.62 -9.20
CA THR A 185 -3.87 24.59 -8.19
C THR A 185 -5.24 24.24 -7.62
N THR A 186 -5.32 23.06 -7.00
CA THR A 186 -6.55 22.59 -6.36
C THR A 186 -6.95 23.54 -5.22
N ALA A 187 -5.96 23.97 -4.46
CA ALA A 187 -6.15 24.90 -3.37
C ALA A 187 -6.75 26.17 -3.89
N GLU A 188 -6.32 26.63 -5.08
CA GLU A 188 -6.88 27.86 -5.66
C GLU A 188 -8.38 27.66 -6.03
N GLY A 189 -8.73 26.50 -6.58
CA GLY A 189 -10.14 26.17 -6.83
C GLY A 189 -10.95 26.17 -5.53
N VAL A 190 -10.43 25.50 -4.52
CA VAL A 190 -11.16 25.42 -3.28
C VAL A 190 -11.36 26.78 -2.66
N ALA A 191 -10.33 27.63 -2.68
CA ALA A 191 -10.45 28.94 -2.06
C ALA A 191 -11.47 29.79 -2.82
N ARG A 192 -11.52 29.65 -4.14
CA ARG A 192 -12.51 30.34 -4.96
C ARG A 192 -13.94 29.92 -4.63
N VAL A 193 -14.16 28.64 -4.44
CA VAL A 193 -15.47 28.17 -3.99
C VAL A 193 -15.81 28.83 -2.65
N ARG A 194 -14.88 28.79 -1.69
CA ARG A 194 -15.15 29.29 -0.34
C ARG A 194 -15.40 30.78 -0.28
N LYS A 195 -14.78 31.54 -1.19
CA LYS A 195 -14.82 33.00 -1.18
C LYS A 195 -15.95 33.59 -2.03
N SER A 196 -16.61 32.74 -2.83
CA SER A 196 -17.50 33.24 -3.89
C SER A 196 -19.02 33.21 -3.51
N LYS A 197 -19.31 32.94 -2.24
CA LYS A 197 -20.67 33.03 -1.68
C LYS A 197 -21.66 32.21 -2.54
N GLY A 198 -21.22 31.05 -3.00
CA GLY A 198 -22.10 30.16 -3.77
C GLY A 198 -22.10 30.36 -5.28
N LYS A 199 -21.34 31.33 -5.78
CA LYS A 199 -21.39 31.72 -7.21
C LYS A 199 -20.28 31.08 -8.03
N TYR A 200 -19.54 30.19 -7.39
CA TYR A 200 -18.53 29.37 -8.07
C TYR A 200 -18.59 27.92 -7.53
N ALA A 201 -18.59 26.98 -8.46
CA ALA A 201 -18.52 25.54 -8.23
C ALA A 201 -17.27 25.02 -8.94
N TYR A 202 -16.61 24.04 -8.34
CA TYR A 202 -15.34 23.55 -8.79
C TYR A 202 -15.51 22.09 -9.22
N LEU A 203 -14.91 21.78 -10.37
CA LEU A 203 -14.90 20.44 -10.90
C LEU A 203 -13.50 19.87 -10.62
N LEU A 204 -13.47 18.82 -9.83
CA LEU A 204 -12.24 18.23 -9.37
C LEU A 204 -12.49 16.76 -9.06
N GLU A 205 -11.42 16.00 -8.90
CA GLU A 205 -11.58 14.56 -8.72
C GLU A 205 -12.18 14.30 -7.33
N SER A 206 -12.95 13.23 -7.25
CA SER A 206 -13.74 12.88 -6.06
C SER A 206 -12.88 12.69 -4.83
N THR A 207 -11.72 12.06 -4.99
CA THR A 207 -10.72 11.91 -3.94
C THR A 207 -10.34 13.25 -3.25
N MET A 208 -10.08 14.27 -4.03
CA MET A 208 -9.77 15.58 -3.47
C MET A 208 -11.00 16.27 -2.85
N ASN A 209 -12.16 16.17 -3.54
CA ASN A 209 -13.38 16.74 -3.09
C ASN A 209 -13.70 16.13 -1.71
N GLU A 210 -13.69 14.79 -1.62
CA GLU A 210 -14.04 14.10 -0.37
C GLU A 210 -13.05 14.40 0.79
N TYR A 211 -11.80 14.61 0.46
CA TYR A 211 -10.85 15.06 1.46
C TYR A 211 -11.22 16.47 2.04
N ILE A 212 -11.44 17.44 1.18
CA ILE A 212 -11.77 18.86 1.57
C ILE A 212 -13.08 18.95 2.37
N GLU A 213 -14.04 18.11 1.95
CA GLU A 213 -15.33 17.98 2.63
C GLU A 213 -15.18 17.67 4.13
N GLN A 214 -14.08 17.00 4.48
CA GLN A 214 -13.80 16.60 5.86
C GLN A 214 -12.77 17.48 6.58
N ARG A 215 -12.49 18.66 6.03
CA ARG A 215 -11.57 19.58 6.68
C ARG A 215 -12.27 20.89 7.08
N LYS A 216 -11.78 21.53 8.13
CA LYS A 216 -12.31 22.81 8.51
C LYS A 216 -12.03 23.78 7.39
N PRO A 217 -12.90 24.77 7.18
CA PRO A 217 -14.10 25.15 7.91
C PRO A 217 -15.39 24.40 7.53
N CYS A 218 -15.30 23.24 6.89
CA CYS A 218 -16.47 22.38 6.72
C CYS A 218 -17.60 23.12 5.97
N ASP A 219 -17.23 23.93 4.97
CA ASP A 219 -18.20 24.76 4.25
C ASP A 219 -18.41 24.33 2.77
N THR A 220 -17.75 23.24 2.37
CA THR A 220 -17.90 22.68 1.05
C THR A 220 -18.57 21.32 1.08
N MET A 221 -19.12 20.94 -0.05
CA MET A 221 -19.44 19.54 -0.24
C MET A 221 -19.50 19.11 -1.68
N LYS A 222 -19.37 17.79 -1.82
CA LYS A 222 -19.51 17.08 -3.06
C LYS A 222 -20.99 16.87 -3.34
N VAL A 223 -21.42 17.22 -4.55
CA VAL A 223 -22.83 16.96 -4.97
C VAL A 223 -22.93 16.10 -6.24
N GLY A 224 -23.97 15.27 -6.30
CA GLY A 224 -24.22 14.45 -7.49
C GLY A 224 -23.28 13.26 -7.62
N GLY A 225 -23.40 12.53 -8.71
CA GLY A 225 -22.60 11.32 -8.90
C GLY A 225 -21.33 11.75 -9.61
N ASN A 226 -20.37 10.85 -9.68
CA ASN A 226 -19.17 11.13 -10.43
C ASN A 226 -19.52 11.13 -11.93
N LEU A 227 -18.86 12.02 -12.65
CA LEU A 227 -19.04 12.19 -14.07
C LEU A 227 -18.38 11.04 -14.85
N ASP A 228 -17.31 10.45 -14.32
CA ASP A 228 -16.61 9.38 -15.02
C ASP A 228 -16.00 8.49 -13.94
N SER A 229 -15.26 7.46 -14.35
CA SER A 229 -14.52 6.54 -13.44
C SER A 229 -13.18 6.28 -13.98
N LYS A 230 -12.17 6.47 -13.15
CA LYS A 230 -10.82 6.19 -13.54
C LYS A 230 -9.96 5.91 -12.33
N GLY A 231 -8.65 5.86 -12.56
CA GLY A 231 -7.67 5.49 -11.58
C GLY A 231 -6.43 6.33 -11.69
N TYR A 232 -5.73 6.38 -10.56
CA TYR A 232 -4.36 6.89 -10.47
C TYR A 232 -3.43 5.72 -10.59
N GLY A 233 -2.31 5.96 -11.26
CA GLY A 233 -1.30 4.94 -11.44
C GLY A 233 0.06 5.46 -11.09
N ILE A 234 0.93 4.56 -10.68
CA ILE A 234 2.36 4.88 -10.61
C ILE A 234 2.95 4.83 -12.01
N ALA A 235 3.65 5.88 -12.40
CA ALA A 235 4.08 6.06 -13.76
C ALA A 235 5.59 5.97 -13.78
N THR A 236 6.10 5.36 -14.83
CA THR A 236 7.53 5.24 -15.10
C THR A 236 7.78 5.59 -16.57
N PRO A 237 9.07 5.91 -16.91
CA PRO A 237 9.40 6.19 -18.29
C PRO A 237 9.16 4.97 -19.13
N LYS A 238 8.72 5.21 -20.36
CA LYS A 238 8.29 4.10 -21.22
C LYS A 238 9.41 3.05 -21.39
N GLY A 239 9.04 1.79 -21.15
CA GLY A 239 9.97 0.66 -21.19
C GLY A 239 10.99 0.56 -20.04
N SER A 240 10.82 1.36 -18.98
CA SER A 240 11.74 1.29 -17.82
C SER A 240 11.60 -0.07 -17.11
N SER A 241 12.75 -0.54 -16.61
CA SER A 241 12.89 -1.79 -15.86
C SER A 241 12.18 -1.83 -14.50
N LEU A 242 11.88 -0.65 -13.94
CA LEU A 242 11.15 -0.55 -12.67
C LEU A 242 9.68 -0.92 -12.80
N GLY A 243 9.12 -0.76 -14.01
CA GLY A 243 7.68 -0.82 -14.19
C GLY A 243 7.04 -2.12 -13.72
N ASN A 244 7.66 -3.24 -14.06
CA ASN A 244 7.19 -4.53 -13.64
C ASN A 244 7.13 -4.71 -12.11
N ALA A 245 8.25 -4.48 -11.42
CA ALA A 245 8.27 -4.66 -9.97
C ALA A 245 7.25 -3.72 -9.29
N VAL A 246 7.12 -2.48 -9.81
CA VAL A 246 6.18 -1.52 -9.28
C VAL A 246 4.71 -1.93 -9.43
N ASN A 247 4.37 -2.43 -10.60
CA ASN A 247 3.06 -2.96 -10.80
C ASN A 247 2.79 -4.12 -9.85
N LEU A 248 3.74 -5.05 -9.69
CA LEU A 248 3.46 -6.16 -8.79
C LEU A 248 3.29 -5.71 -7.36
N ALA A 249 4.08 -4.73 -6.91
CA ALA A 249 3.97 -4.15 -5.57
C ALA A 249 2.61 -3.45 -5.32
N VAL A 250 2.10 -2.70 -6.28
CA VAL A 250 0.78 -2.10 -6.16
C VAL A 250 -0.29 -3.22 -5.95
N LEU A 251 -0.25 -4.30 -6.73
CA LEU A 251 -1.23 -5.38 -6.57
C LEU A 251 -1.11 -6.06 -5.19
N LYS A 252 0.12 -6.35 -4.80
CA LYS A 252 0.42 -6.90 -3.45
C LYS A 252 -0.07 -6.01 -2.30
N LEU A 253 0.23 -4.72 -2.38
CA LEU A 253 -0.15 -3.77 -1.35
C LEU A 253 -1.67 -3.54 -1.30
N ASN A 254 -2.35 -3.52 -2.45
CA ASN A 254 -3.82 -3.59 -2.43
C ASN A 254 -4.35 -4.87 -1.77
N GLU A 255 -3.82 -6.02 -2.16
CA GLU A 255 -4.30 -7.30 -1.66
C GLU A 255 -4.11 -7.52 -0.16
N GLN A 256 -3.02 -6.96 0.37
CA GLN A 256 -2.69 -7.07 1.80
C GLN A 256 -3.32 -5.90 2.59
N GLY A 257 -4.18 -5.13 1.94
CA GLY A 257 -5.00 -4.14 2.64
C GLY A 257 -4.35 -2.79 2.97
N LEU A 258 -3.12 -2.56 2.52
CA LEU A 258 -2.40 -1.32 2.79
C LEU A 258 -3.04 -0.07 2.17
N LEU A 259 -3.50 -0.18 0.93
CA LEU A 259 -4.07 0.99 0.26
C LEU A 259 -5.35 1.49 0.95
N ASP A 260 -6.19 0.55 1.35
CA ASP A 260 -7.42 0.89 2.10
C ASP A 260 -7.11 1.48 3.46
N LYS A 261 -6.16 0.89 4.18
CA LYS A 261 -5.61 1.44 5.43
C LYS A 261 -5.11 2.89 5.25
N LEU A 262 -4.40 3.12 4.15
CA LEU A 262 -3.79 4.47 3.89
C LEU A 262 -4.85 5.48 3.50
N LYS A 263 -5.86 5.06 2.72
CA LYS A 263 -6.99 5.94 2.47
C LYS A 263 -7.68 6.36 3.78
N ASN A 264 -7.98 5.41 4.65
CA ASN A 264 -8.62 5.76 5.93
C ASN A 264 -7.77 6.71 6.78
N LYS A 265 -6.47 6.46 6.82
CA LYS A 265 -5.55 7.23 7.64
C LYS A 265 -5.52 8.69 7.19
N TRP A 266 -5.48 8.92 5.88
CA TRP A 266 -5.31 10.26 5.37
C TRP A 266 -6.64 11.02 5.06
N TRP A 267 -7.76 10.32 4.96
CA TRP A 267 -9.05 10.98 4.67
C TRP A 267 -9.89 11.04 5.91
N TYR A 268 -10.10 9.88 6.49
CA TYR A 268 -11.21 9.68 7.41
C TYR A 268 -10.74 9.65 8.87
N ASP A 269 -9.55 9.11 9.15
CA ASP A 269 -9.00 9.17 10.51
C ASP A 269 -8.75 10.62 10.89
N LYS A 270 -8.31 11.41 9.91
CA LYS A 270 -7.94 12.84 10.08
C LYS A 270 -9.15 13.80 9.96
N GLY A 271 -10.38 13.26 9.94
CA GLY A 271 -11.57 14.06 9.65
C GLY A 271 -11.92 15.08 10.72
N GLU A 272 -12.04 16.35 10.30
CA GLU A 272 -12.37 17.47 11.20
C GLU A 272 -13.85 17.91 11.16
N CYS A 273 -14.69 17.20 10.41
CA CYS A 273 -16.09 17.65 10.25
C CYS A 273 -17.04 16.60 10.80
N THR B 17 47.02 4.44 15.57
CA THR B 17 45.63 4.86 15.98
C THR B 17 44.49 3.85 15.60
N VAL B 18 43.83 3.30 16.62
CA VAL B 18 42.76 2.31 16.46
C VAL B 18 41.48 2.98 15.94
N VAL B 19 40.92 2.50 14.83
CA VAL B 19 39.64 3.01 14.32
C VAL B 19 38.51 2.25 15.02
N VAL B 20 37.73 2.96 15.84
CA VAL B 20 36.57 2.39 16.55
C VAL B 20 35.31 2.69 15.78
N THR B 21 34.51 1.64 15.49
CA THR B 21 33.17 1.82 14.96
C THR B 21 32.17 1.74 16.12
N THR B 22 31.20 2.63 16.06
CA THR B 22 30.15 2.75 17.05
C THR B 22 28.90 3.35 16.38
N ILE B 23 27.83 3.48 17.14
CA ILE B 23 26.53 3.88 16.57
C ILE B 23 25.90 4.90 17.49
N LEU B 24 25.16 5.82 16.92
CA LEU B 24 24.44 6.87 17.64
C LEU B 24 23.18 6.26 18.25
N GLU B 25 23.30 5.93 19.54
CA GLU B 25 22.26 5.17 20.26
C GLU B 25 22.30 5.59 21.72
N SER B 26 21.26 6.25 22.20
CA SER B 26 21.22 6.74 23.60
C SER B 26 21.00 5.60 24.64
N PRO B 27 21.71 5.67 25.79
CA PRO B 27 22.73 6.64 26.22
C PRO B 27 24.16 6.16 25.95
N TYR B 28 24.37 5.30 24.94
CA TYR B 28 25.69 4.72 24.66
C TYR B 28 26.65 5.73 24.01
N VAL B 29 26.18 6.33 22.92
CA VAL B 29 26.96 7.34 22.13
C VAL B 29 25.95 8.38 21.64
N MET B 30 26.19 9.62 22.03
CA MET B 30 25.33 10.76 21.74
C MET B 30 26.23 11.94 21.42
N MET B 31 25.80 12.69 20.42
CA MET B 31 26.44 13.91 20.03
C MET B 31 26.15 14.94 21.13
N LYS B 32 27.20 15.49 21.73
CA LYS B 32 27.04 16.57 22.69
C LYS B 32 26.38 17.77 22.05
N LYS B 33 25.51 18.45 22.81
CA LYS B 33 24.85 19.59 22.27
C LYS B 33 25.85 20.62 21.68
N ASN B 34 25.54 21.05 20.45
CA ASN B 34 26.27 22.06 19.73
C ASN B 34 27.70 21.68 19.39
N HIS B 35 27.99 20.39 19.38
CA HIS B 35 29.33 19.91 19.05
C HIS B 35 29.48 19.41 17.60
N GLU B 36 28.46 19.61 16.77
CA GLU B 36 28.42 18.99 15.42
C GLU B 36 29.53 19.49 14.49
N MET B 37 29.97 20.73 14.67
CA MET B 37 31.07 21.28 13.83
C MET B 37 32.48 21.18 14.48
N LEU B 38 32.56 20.55 15.65
CA LEU B 38 33.84 20.30 16.33
C LEU B 38 34.47 19.08 15.70
N GLU B 39 35.64 18.66 16.17
CA GLU B 39 36.30 17.49 15.59
C GLU B 39 36.79 16.49 16.68
N GLY B 40 36.91 15.23 16.31
CA GLY B 40 37.46 14.23 17.20
C GLY B 40 36.52 13.69 18.27
N ASN B 41 37.11 12.99 19.21
CA ASN B 41 36.34 12.20 20.20
C ASN B 41 35.50 13.01 21.18
N GLU B 42 35.90 14.25 21.38
CA GLU B 42 35.27 15.14 22.37
C GLU B 42 33.82 15.52 21.98
N ARG B 43 33.45 15.30 20.71
CA ARG B 43 32.07 15.57 20.25
C ARG B 43 31.01 14.70 20.95
N TYR B 44 31.42 13.50 21.34
CA TYR B 44 30.54 12.43 21.79
C TYR B 44 30.54 12.22 23.32
N GLU B 45 29.39 11.82 23.84
CA GLU B 45 29.30 11.40 25.24
C GLU B 45 28.47 10.12 25.32
N GLY B 46 28.63 9.40 26.42
CA GLY B 46 27.77 8.27 26.69
C GLY B 46 28.48 7.12 27.31
N TYR B 47 27.73 6.05 27.58
CA TYR B 47 28.30 4.87 28.22
C TYR B 47 29.45 4.25 27.41
N CYS B 48 29.25 4.17 26.09
CA CYS B 48 30.26 3.56 25.22
C CYS B 48 31.46 4.47 24.93
N VAL B 49 31.31 5.77 25.11
CA VAL B 49 32.40 6.73 24.98
C VAL B 49 33.27 6.61 26.22
N ASP B 50 32.65 6.56 27.39
CA ASP B 50 33.36 6.27 28.65
C ASP B 50 34.01 4.86 28.67
N LEU B 51 33.28 3.86 28.18
CA LEU B 51 33.83 2.52 28.09
C LEU B 51 35.06 2.48 27.14
N ALA B 52 34.93 3.07 25.92
CA ALA B 52 36.06 3.16 24.97
C ALA B 52 37.24 3.81 25.61
N ALA B 53 37.05 4.92 26.32
CA ALA B 53 38.20 5.58 26.94
C ALA B 53 38.92 4.66 27.93
N GLU B 54 38.14 3.87 28.70
CA GLU B 54 38.70 2.97 29.70
C GLU B 54 39.41 1.78 29.04
N ILE B 55 38.76 1.19 28.03
CA ILE B 55 39.38 0.09 27.29
C ILE B 55 40.73 0.51 26.71
N ALA B 56 40.77 1.69 26.09
CA ALA B 56 41.96 2.21 25.44
C ALA B 56 43.12 2.40 26.46
N LYS B 57 42.73 2.93 27.62
CA LYS B 57 43.65 3.23 28.70
C LYS B 57 44.28 1.94 29.21
N HIS B 58 43.45 0.93 29.46
CA HIS B 58 43.93 -0.36 29.93
C HIS B 58 44.78 -1.17 28.92
N CYS B 59 44.47 -1.04 27.65
CA CYS B 59 45.17 -1.77 26.59
C CYS B 59 46.30 -0.98 25.95
N GLY B 60 46.38 0.31 26.23
CA GLY B 60 47.51 1.12 25.83
C GLY B 60 47.45 1.55 24.40
N PHE B 61 46.25 1.80 23.89
CA PHE B 61 46.09 2.36 22.54
C PHE B 61 45.41 3.74 22.48
N LYS B 62 45.79 4.51 21.44
CA LYS B 62 45.07 5.71 20.95
C LYS B 62 44.03 5.27 19.92
N TYR B 63 42.92 6.02 19.87
CA TYR B 63 41.73 5.66 19.12
C TYR B 63 40.96 6.85 18.58
N LYS B 64 40.17 6.57 17.53
CA LYS B 64 39.36 7.53 16.87
C LYS B 64 37.98 6.95 16.78
N LEU B 65 37.02 7.61 17.43
CA LEU B 65 35.62 7.19 17.39
C LEU B 65 34.99 7.56 16.04
N THR B 66 34.43 6.58 15.35
CA THR B 66 33.73 6.85 14.11
C THR B 66 32.33 6.25 14.18
N ILE B 67 31.38 6.94 13.59
CA ILE B 67 30.00 6.46 13.60
C ILE B 67 29.77 5.63 12.34
N VAL B 68 29.24 4.43 12.57
CA VAL B 68 29.04 3.47 11.47
C VAL B 68 28.28 4.11 10.28
N GLY B 69 28.83 3.93 9.08
CA GLY B 69 28.45 4.64 7.90
C GLY B 69 27.00 4.46 7.52
N ASP B 70 26.49 3.23 7.57
CA ASP B 70 25.09 2.93 7.21
C ASP B 70 24.11 2.93 8.39
N GLY B 71 24.58 3.35 9.56
CA GLY B 71 23.74 3.46 10.74
C GLY B 71 23.18 2.16 11.33
N LYS B 72 23.80 1.02 11.00
CA LYS B 72 23.27 -0.32 11.32
C LYS B 72 24.15 -1.13 12.25
N TYR B 73 23.55 -2.09 12.96
CA TYR B 73 24.24 -2.94 13.93
C TYR B 73 25.01 -4.03 13.16
N GLY B 74 24.31 -4.82 12.37
CA GLY B 74 24.96 -5.75 11.46
C GLY B 74 24.20 -7.02 11.22
N ALA B 75 23.84 -7.26 9.97
CA ALA B 75 23.15 -8.46 9.48
C ALA B 75 23.76 -8.87 8.13
N ARG B 76 23.69 -10.14 7.82
CA ARG B 76 24.17 -10.64 6.56
C ARG B 76 23.01 -10.71 5.59
N ASP B 77 23.14 -10.07 4.45
CA ASP B 77 22.13 -10.20 3.40
C ASP B 77 22.01 -11.67 2.91
N ALA B 78 20.79 -12.23 2.96
CA ALA B 78 20.54 -13.63 2.57
C ALA B 78 20.89 -13.89 1.11
N ASP B 79 20.75 -12.85 0.29
CA ASP B 79 20.96 -12.97 -1.16
C ASP B 79 22.37 -12.63 -1.63
N THR B 80 22.92 -11.49 -1.19
CA THR B 80 24.30 -11.08 -1.54
C THR B 80 25.36 -11.65 -0.60
N LYS B 81 24.95 -12.12 0.59
CA LYS B 81 25.88 -12.61 1.67
C LYS B 81 26.84 -11.53 2.21
N ILE B 82 26.53 -10.28 1.89
CA ILE B 82 27.29 -9.15 2.41
C ILE B 82 26.77 -8.73 3.80
N TRP B 83 27.70 -8.52 4.70
CA TRP B 83 27.44 -8.03 6.05
C TRP B 83 27.40 -6.53 6.01
N ASN B 84 26.37 -5.96 6.63
CA ASN B 84 26.28 -4.52 6.81
C ASN B 84 26.61 -4.10 8.26
N GLY B 85 26.42 -2.84 8.54
CA GLY B 85 26.50 -2.34 9.88
C GLY B 85 27.91 -2.33 10.40
N MET B 86 28.03 -2.29 11.72
CA MET B 86 29.32 -2.30 12.37
C MET B 86 30.02 -3.65 12.18
N VAL B 87 29.24 -4.74 12.08
CA VAL B 87 29.81 -6.07 11.87
C VAL B 87 30.51 -6.03 10.54
N GLY B 88 29.81 -5.57 9.53
CA GLY B 88 30.42 -5.42 8.21
C GLY B 88 31.65 -4.53 8.16
N GLU B 89 31.67 -3.43 8.92
CA GLU B 89 32.89 -2.61 8.94
C GLU B 89 34.11 -3.40 9.45
N LEU B 90 33.87 -4.27 10.44
CA LEU B 90 34.94 -5.10 10.97
C LEU B 90 35.34 -6.19 9.96
N VAL B 91 34.35 -6.82 9.33
CA VAL B 91 34.59 -7.89 8.35
C VAL B 91 35.41 -7.43 7.18
N TYR B 92 35.09 -6.25 6.67
CA TYR B 92 35.75 -5.72 5.48
C TYR B 92 36.94 -4.82 5.77
N GLY B 93 37.35 -4.72 7.03
CA GLY B 93 38.59 -4.06 7.37
C GLY B 93 38.45 -2.56 7.48
N LYS B 94 37.22 -2.06 7.67
CA LYS B 94 37.00 -0.61 7.71
C LYS B 94 37.16 -0.05 9.13
N ALA B 95 37.07 -0.92 10.13
CA ALA B 95 37.27 -0.56 11.53
C ALA B 95 38.05 -1.65 12.25
N ASP B 96 38.76 -1.25 13.30
CA ASP B 96 39.60 -2.18 14.10
C ASP B 96 38.86 -2.84 15.28
N ILE B 97 37.84 -2.17 15.78
CA ILE B 97 37.11 -2.55 16.97
C ILE B 97 35.71 -1.89 16.91
N ALA B 98 34.71 -2.61 17.42
CA ALA B 98 33.39 -2.05 17.60
C ALA B 98 33.15 -1.97 19.09
N ILE B 99 32.77 -0.79 19.58
CA ILE B 99 32.48 -0.58 21.00
C ILE B 99 31.11 0.11 21.03
N ALA B 100 30.07 -0.67 21.23
CA ALA B 100 28.71 -0.30 20.90
C ALA B 100 27.77 -1.30 21.63
N PRO B 101 26.47 -0.96 21.79
CA PRO B 101 25.55 -1.97 22.28
C PRO B 101 25.25 -3.08 21.23
N LEU B 102 26.27 -3.88 20.99
CA LEU B 102 26.27 -4.88 19.93
C LEU B 102 26.13 -6.28 20.54
N THR B 103 25.04 -6.95 20.18
CA THR B 103 24.70 -8.20 20.83
C THR B 103 25.59 -9.35 20.33
N ILE B 104 26.14 -10.11 21.27
CA ILE B 104 26.83 -11.33 20.99
C ILE B 104 25.79 -12.36 20.52
N THR B 105 25.90 -12.79 19.27
CA THR B 105 25.10 -13.89 18.72
C THR B 105 26.04 -14.86 17.99
N LEU B 106 25.60 -16.10 17.84
CA LEU B 106 26.27 -17.14 17.05
C LEU B 106 26.63 -16.73 15.60
N VAL B 107 25.66 -16.29 14.78
CA VAL B 107 25.96 -15.85 13.41
C VAL B 107 27.08 -14.79 13.38
N ARG B 108 27.13 -13.91 14.38
CA ARG B 108 28.17 -12.92 14.43
C ARG B 108 29.50 -13.49 14.87
N GLU B 109 29.47 -14.29 15.93
CA GLU B 109 30.69 -14.90 16.46
C GLU B 109 31.41 -15.77 15.42
N GLU B 110 30.65 -16.21 14.43
CA GLU B 110 31.21 -16.97 13.33
C GLU B 110 32.15 -16.13 12.47
N VAL B 111 31.92 -14.82 12.39
CA VAL B 111 32.75 -13.98 11.47
C VAL B 111 33.60 -12.94 12.18
N ILE B 112 33.23 -12.60 13.40
CA ILE B 112 33.94 -11.62 14.18
C ILE B 112 34.17 -12.20 15.61
N ASP B 113 35.12 -11.61 16.33
CA ASP B 113 35.40 -11.97 17.73
C ASP B 113 34.73 -11.01 18.73
N PHE B 114 34.22 -11.57 19.81
CA PHE B 114 33.60 -10.76 20.87
C PHE B 114 34.35 -11.00 22.14
N SER B 115 34.47 -9.93 22.91
CA SER B 115 34.81 -10.06 24.29
C SER B 115 33.68 -10.75 25.07
N LYS B 116 34.05 -11.19 26.27
CA LYS B 116 33.07 -11.47 27.28
C LYS B 116 32.12 -10.26 27.36
N PRO B 117 30.86 -10.52 27.67
CA PRO B 117 29.89 -9.43 27.72
C PRO B 117 30.24 -8.35 28.76
N PHE B 118 29.96 -7.09 28.42
CA PHE B 118 30.11 -5.96 29.35
C PHE B 118 28.79 -5.47 29.93
N MET B 119 27.67 -5.96 29.41
CA MET B 119 26.33 -5.60 29.87
C MET B 119 25.35 -6.71 29.45
N SER B 120 24.38 -6.98 30.31
CA SER B 120 23.35 -7.94 30.06
C SER B 120 22.09 -7.20 29.60
N LEU B 121 21.29 -7.95 28.84
CA LEU B 121 20.02 -7.46 28.30
C LEU B 121 19.13 -8.65 27.89
N GLY B 122 17.86 -8.37 27.65
CA GLY B 122 16.95 -9.25 27.00
C GLY B 122 16.00 -8.42 26.19
N ILE B 123 15.37 -9.06 25.20
CA ILE B 123 14.27 -8.40 24.45
C ILE B 123 13.14 -8.12 25.38
N SER B 124 12.53 -6.96 25.19
CA SER B 124 11.45 -6.51 26.06
C SER B 124 10.39 -5.75 25.25
N ILE B 125 9.29 -5.43 25.92
CA ILE B 125 8.17 -4.76 25.29
C ILE B 125 8.07 -3.37 25.82
N MET B 126 8.02 -2.39 24.91
CA MET B 126 7.70 -1.00 25.22
C MET B 126 6.31 -0.68 24.74
N ILE B 127 5.49 -0.17 25.66
CA ILE B 127 4.16 0.37 25.30
C ILE B 127 4.07 1.89 25.60
N LYS B 128 3.14 2.56 24.96
CA LYS B 128 2.67 3.84 25.47
C LYS B 128 1.87 3.55 26.76
N LYS B 129 2.01 4.40 27.77
CA LYS B 129 1.25 4.21 29.00
C LYS B 129 -0.25 4.13 28.75
N GLY B 130 -0.85 3.13 29.41
CA GLY B 130 -2.23 2.85 29.31
C GLY B 130 -2.53 1.81 28.27
N THR B 131 -1.54 1.41 27.49
CA THR B 131 -1.78 0.40 26.47
C THR B 131 -2.12 -0.94 27.06
N PRO B 132 -3.39 -1.79 26.79
CA PRO B 132 -3.70 -2.98 27.55
C PRO B 132 -2.94 -4.20 27.02
N ILE B 133 -1.68 -4.22 27.32
CA ILE B 133 -0.78 -5.32 26.93
C ILE B 133 0.15 -5.49 28.12
N GLU B 134 0.25 -6.71 28.64
CA GLU B 134 1.15 -7.03 29.71
C GLU B 134 2.28 -7.95 29.26
N SER B 135 2.22 -8.54 28.05
CA SER B 135 3.17 -9.61 27.72
C SER B 135 3.22 -9.89 26.25
N ALA B 136 4.19 -10.72 25.86
CA ALA B 136 4.35 -11.17 24.48
C ALA B 136 3.14 -11.98 24.12
N GLU B 137 2.71 -12.85 25.02
CA GLU B 137 1.55 -13.65 24.76
C GLU B 137 0.32 -12.79 24.43
N ASP B 138 0.03 -11.74 25.22
CA ASP B 138 -1.00 -10.74 24.90
C ASP B 138 -0.85 -10.16 23.48
N LEU B 139 0.35 -9.77 23.10
CA LEU B 139 0.52 -9.17 21.78
C LEU B 139 0.08 -10.16 20.72
N SER B 140 0.58 -11.37 20.86
CA SER B 140 0.34 -12.41 19.88
C SER B 140 -1.15 -12.82 19.79
N LYS B 141 -1.96 -12.58 20.83
CA LYS B 141 -3.36 -13.04 20.85
C LYS B 141 -4.35 -11.97 20.38
N GLN B 142 -3.82 -10.89 19.82
CA GLN B 142 -4.65 -9.77 19.40
C GLN B 142 -4.07 -9.17 18.13
N THR B 143 -4.87 -8.33 17.48
CA THR B 143 -4.52 -7.71 16.19
C THR B 143 -4.71 -6.16 16.19
N GLU B 144 -5.36 -5.62 17.20
CA GLU B 144 -5.65 -4.18 17.23
C GLU B 144 -4.36 -3.33 17.40
N ILE B 145 -3.47 -3.81 18.24
CA ILE B 145 -2.18 -3.15 18.48
C ILE B 145 -1.13 -3.86 17.64
N ALA B 146 -0.47 -3.08 16.79
CA ALA B 146 0.64 -3.55 15.96
C ALA B 146 1.94 -3.50 16.73
N TYR B 147 2.93 -4.21 16.23
CA TYR B 147 4.19 -4.25 16.90
C TYR B 147 5.25 -4.77 15.96
N GLY B 148 6.49 -4.31 16.19
CA GLY B 148 7.65 -4.60 15.38
C GLY B 148 8.94 -4.35 16.11
N THR B 149 10.04 -4.37 15.37
CA THR B 149 11.39 -4.39 15.89
C THR B 149 12.22 -3.49 15.02
N LEU B 150 13.46 -3.26 15.47
CA LEU B 150 14.51 -2.63 14.67
C LEU B 150 14.80 -3.47 13.44
N ASP B 151 15.08 -2.84 12.31
CA ASP B 151 15.20 -3.58 11.05
C ASP B 151 16.42 -4.49 10.79
N SER B 152 17.61 -4.24 11.37
CA SER B 152 18.83 -4.97 10.88
C SER B 152 19.68 -5.43 12.11
N GLY B 153 19.00 -5.90 13.14
CA GLY B 153 19.66 -6.28 14.38
C GLY B 153 19.26 -7.64 14.93
N SER B 154 19.59 -7.86 16.19
CA SER B 154 19.46 -9.18 16.80
C SER B 154 18.03 -9.44 17.26
N THR B 155 17.28 -8.39 17.52
CA THR B 155 15.88 -8.56 17.92
C THR B 155 15.08 -9.17 16.74
N LYS B 156 15.27 -8.61 15.56
CA LYS B 156 14.55 -9.10 14.38
C LYS B 156 14.95 -10.55 14.11
N GLU B 157 16.25 -10.82 14.17
CA GLU B 157 16.75 -12.18 14.01
C GLU B 157 16.26 -13.23 15.08
N PHE B 158 16.08 -12.82 16.33
CA PHE B 158 15.48 -13.69 17.37
C PHE B 158 14.09 -14.18 16.93
N PHE B 159 13.23 -13.26 16.49
CA PHE B 159 11.90 -13.61 16.04
C PHE B 159 11.87 -14.49 14.77
N ARG B 160 12.65 -14.11 13.77
CA ARG B 160 12.88 -14.90 12.55
C ARG B 160 13.26 -16.35 12.81
N ARG B 161 14.02 -16.60 13.87
CA ARG B 161 14.54 -17.94 14.16
C ARG B 161 13.81 -18.65 15.27
N SER B 162 12.95 -17.99 16.04
CA SER B 162 12.37 -18.69 17.18
C SER B 162 11.42 -19.81 16.72
N LYS B 163 11.45 -20.93 17.44
CA LYS B 163 10.46 -21.99 17.30
C LYS B 163 9.59 -22.12 18.55
N ILE B 164 9.71 -21.14 19.44
CA ILE B 164 8.81 -20.98 20.59
C ILE B 164 7.44 -20.49 20.09
N ALA B 165 6.38 -21.19 20.47
CA ALA B 165 5.02 -20.95 19.93
C ALA B 165 4.63 -19.45 19.80
N VAL B 166 4.71 -18.73 20.90
CA VAL B 166 4.31 -17.30 20.94
C VAL B 166 5.17 -16.42 20.00
N PHE B 167 6.48 -16.63 20.00
CA PHE B 167 7.41 -15.83 19.19
C PHE B 167 7.33 -16.15 17.70
N ASP B 168 7.19 -17.44 17.36
CA ASP B 168 6.90 -17.87 15.97
C ASP B 168 5.60 -17.21 15.45
N LYS B 169 4.57 -17.19 16.31
CA LYS B 169 3.33 -16.50 15.98
C LYS B 169 3.54 -14.99 15.79
N MET B 170 4.34 -14.37 16.65
CA MET B 170 4.63 -12.96 16.50
C MET B 170 5.38 -12.67 15.19
N TRP B 171 6.32 -13.52 14.83
CA TRP B 171 7.10 -13.36 13.62
C TRP B 171 6.23 -13.49 12.40
N THR B 172 5.30 -14.46 12.39
CA THR B 172 4.46 -14.71 11.21
C THR B 172 3.62 -13.45 10.92
N TYR B 173 3.09 -12.84 11.96
CA TYR B 173 2.44 -11.55 11.82
C TYR B 173 3.40 -10.42 11.33
N MET B 174 4.50 -10.22 12.02
CA MET B 174 5.33 -9.05 11.77
C MET B 174 5.89 -9.07 10.36
N ARG B 175 6.28 -10.25 9.88
CA ARG B 175 7.01 -10.36 8.62
C ARG B 175 6.19 -9.90 7.42
N SER B 176 4.87 -10.06 7.49
CA SER B 176 3.96 -9.69 6.40
C SER B 176 2.97 -8.55 6.78
N ALA B 177 3.14 -7.93 7.95
CA ALA B 177 2.28 -6.81 8.37
C ALA B 177 2.47 -5.59 7.46
N GLU B 178 1.35 -4.96 7.10
CA GLU B 178 1.35 -3.74 6.31
C GLU B 178 0.57 -2.67 7.07
N PRO B 179 1.14 -1.47 7.15
CA PRO B 179 2.48 -1.14 6.70
C PRO B 179 3.54 -1.83 7.52
N SER B 180 4.80 -1.82 7.05
CA SER B 180 5.91 -2.39 7.78
C SER B 180 5.89 -2.00 9.25
N VAL B 181 6.10 -2.99 10.10
CA VAL B 181 6.15 -2.78 11.52
C VAL B 181 7.62 -2.57 11.93
N PHE B 182 8.54 -2.67 10.98
CA PHE B 182 9.98 -2.54 11.31
C PHE B 182 10.39 -1.08 11.20
N VAL B 183 11.42 -0.66 11.94
CA VAL B 183 11.91 0.74 11.97
C VAL B 183 13.42 0.76 11.70
N ARG B 184 13.91 1.93 11.31
CA ARG B 184 15.30 2.07 10.91
C ARG B 184 16.23 2.28 12.10
N THR B 185 15.70 2.81 13.19
CA THR B 185 16.48 3.19 14.34
C THR B 185 15.58 3.07 15.51
N THR B 186 16.17 2.97 16.70
CA THR B 186 15.44 2.89 17.95
C THR B 186 14.57 4.11 18.17
N ALA B 187 15.15 5.26 17.85
CA ALA B 187 14.47 6.55 17.89
C ALA B 187 13.13 6.55 17.13
N GLU B 188 13.15 6.01 15.91
CA GLU B 188 11.95 5.87 15.07
C GLU B 188 10.89 4.96 15.74
N GLY B 189 11.29 3.80 16.26
CA GLY B 189 10.39 2.89 16.99
C GLY B 189 9.74 3.54 18.21
N VAL B 190 10.53 4.23 19.00
CA VAL B 190 10.04 5.00 20.18
C VAL B 190 9.09 6.11 19.76
N ALA B 191 9.46 6.93 18.77
CA ALA B 191 8.55 7.98 18.28
C ALA B 191 7.25 7.36 17.72
N ARG B 192 7.32 6.19 17.08
CA ARG B 192 6.11 5.53 16.58
C ARG B 192 5.19 5.07 17.75
N VAL B 193 5.80 4.53 18.81
CA VAL B 193 5.01 4.23 20.01
C VAL B 193 4.32 5.47 20.56
N ARG B 194 5.12 6.52 20.69
CA ARG B 194 4.63 7.81 21.20
C ARG B 194 3.51 8.46 20.41
N LYS B 195 3.55 8.39 19.08
CA LYS B 195 2.47 9.03 18.27
C LYS B 195 1.33 8.11 17.92
N SER B 196 1.38 6.87 18.36
CA SER B 196 0.40 5.91 17.87
C SER B 196 -0.80 5.72 18.78
N LYS B 197 -0.98 6.61 19.75
CA LYS B 197 -2.15 6.56 20.64
C LYS B 197 -2.42 5.16 21.26
N GLY B 198 -1.38 4.37 21.42
CA GLY B 198 -1.49 3.05 22.00
C GLY B 198 -1.55 1.90 21.03
N LYS B 199 -1.53 2.20 19.74
CA LYS B 199 -1.81 1.22 18.71
C LYS B 199 -0.52 0.61 18.14
N TYR B 200 0.65 1.09 18.59
CA TYR B 200 1.91 0.47 18.24
C TYR B 200 2.70 0.23 19.55
N ALA B 201 3.23 -1.00 19.68
CA ALA B 201 4.18 -1.38 20.72
C ALA B 201 5.48 -1.80 20.07
N TYR B 202 6.60 -1.54 20.73
CA TYR B 202 7.91 -1.74 20.12
C TYR B 202 8.65 -2.80 20.92
N LEU B 203 9.23 -3.74 20.19
CA LEU B 203 10.08 -4.79 20.75
C LEU B 203 11.54 -4.34 20.65
N LEU B 204 12.19 -4.21 21.80
CA LEU B 204 13.56 -3.70 21.86
C LEU B 204 14.29 -4.17 23.13
N GLU B 205 15.61 -4.03 23.15
CA GLU B 205 16.40 -4.51 24.29
C GLU B 205 16.05 -3.74 25.57
N SER B 206 16.00 -4.48 26.68
CA SER B 206 15.65 -3.95 27.96
C SER B 206 16.50 -2.74 28.40
N THR B 207 17.76 -2.76 28.07
CA THR B 207 18.69 -1.63 28.30
C THR B 207 18.19 -0.29 27.71
N MET B 208 17.85 -0.33 26.43
CA MET B 208 17.27 0.81 25.75
C MET B 208 15.86 1.17 26.25
N ASN B 209 14.99 0.18 26.48
CA ASN B 209 13.65 0.38 27.04
C ASN B 209 13.67 1.12 28.39
N GLU B 210 14.46 0.59 29.31
CA GLU B 210 14.67 1.18 30.65
C GLU B 210 15.31 2.59 30.66
N TYR B 211 16.24 2.87 29.73
CA TYR B 211 16.71 4.24 29.54
C TYR B 211 15.55 5.20 29.18
N ILE B 212 14.74 4.82 28.19
CA ILE B 212 13.69 5.69 27.66
C ILE B 212 12.58 5.88 28.65
N GLU B 213 12.33 4.87 29.46
CA GLU B 213 11.28 4.97 30.48
C GLU B 213 11.55 6.08 31.53
N GLN B 214 12.80 6.47 31.65
CA GLN B 214 13.24 7.45 32.62
C GLN B 214 13.59 8.79 31.99
N ARG B 215 13.22 8.97 30.74
CA ARG B 215 13.37 10.25 30.05
C ARG B 215 12.03 10.93 29.76
N LYS B 216 12.02 12.25 29.85
CA LYS B 216 10.84 13.01 29.42
C LYS B 216 10.51 12.64 27.98
N PRO B 217 9.22 12.67 27.61
CA PRO B 217 8.03 13.01 28.38
C PRO B 217 7.43 11.91 29.27
N CYS B 218 8.15 10.82 29.54
CA CYS B 218 7.73 9.87 30.56
C CYS B 218 6.38 9.23 30.24
N ASP B 219 6.20 8.87 28.97
CA ASP B 219 4.94 8.34 28.46
C ASP B 219 5.06 6.92 27.92
N THR B 220 6.24 6.30 28.09
CA THR B 220 6.43 4.91 27.79
C THR B 220 6.71 4.10 29.02
N MET B 221 6.57 2.79 28.85
CA MET B 221 6.80 1.86 29.93
C MET B 221 7.26 0.48 29.41
N LYS B 222 8.19 -0.13 30.13
CA LYS B 222 8.52 -1.52 29.92
C LYS B 222 7.47 -2.39 30.59
N VAL B 223 6.92 -3.34 29.84
CA VAL B 223 6.01 -4.36 30.43
C VAL B 223 6.42 -5.83 30.23
N GLY B 224 6.17 -6.66 31.24
CA GLY B 224 6.49 -8.09 31.14
C GLY B 224 7.96 -8.38 31.42
N GLY B 225 8.31 -9.65 31.48
CA GLY B 225 9.69 -10.05 31.67
C GLY B 225 10.37 -9.99 30.30
N ASN B 226 11.69 -10.11 30.31
CA ASN B 226 12.46 -10.11 29.10
C ASN B 226 12.20 -11.43 28.43
N LEU B 227 12.17 -11.45 27.12
CA LEU B 227 11.90 -12.65 26.35
C LEU B 227 13.10 -13.60 26.28
N ASP B 228 14.29 -13.06 26.54
CA ASP B 228 15.49 -13.83 26.39
C ASP B 228 16.56 -13.19 27.24
N SER B 229 17.72 -13.80 27.21
CA SER B 229 18.82 -13.35 28.03
C SER B 229 20.14 -13.43 27.25
N LYS B 230 20.79 -12.28 27.10
CA LYS B 230 22.00 -12.17 26.35
C LYS B 230 22.91 -11.01 26.75
N GLY B 231 23.97 -10.79 25.99
CA GLY B 231 24.96 -9.77 26.29
C GLY B 231 25.42 -8.97 25.11
N TYR B 232 25.86 -7.74 25.41
CA TYR B 232 26.70 -6.94 24.52
C TYR B 232 28.16 -7.24 24.77
N GLY B 233 28.90 -7.33 23.68
CA GLY B 233 30.33 -7.53 23.71
C GLY B 233 31.09 -6.57 22.81
N ILE B 234 32.36 -6.35 23.13
CA ILE B 234 33.28 -5.59 22.28
C ILE B 234 33.80 -6.51 21.18
N ALA B 235 33.67 -6.07 19.93
CA ALA B 235 33.94 -6.89 18.81
C ALA B 235 35.18 -6.42 18.04
N THR B 236 35.96 -7.39 17.59
CA THR B 236 37.17 -7.16 16.81
C THR B 236 37.16 -8.09 15.59
N PRO B 237 37.91 -7.75 14.53
CA PRO B 237 37.97 -8.73 13.44
C PRO B 237 38.57 -10.07 13.88
N LYS B 238 38.09 -11.14 13.26
CA LYS B 238 38.62 -12.49 13.55
C LYS B 238 40.14 -12.53 13.59
N GLY B 239 40.64 -13.14 14.67
CA GLY B 239 42.09 -13.23 14.91
C GLY B 239 42.87 -11.94 15.11
N SER B 240 42.19 -10.80 15.26
CA SER B 240 42.86 -9.50 15.56
C SER B 240 43.83 -9.55 16.76
N SER B 241 44.84 -8.71 16.79
CA SER B 241 45.77 -8.73 17.95
C SER B 241 45.11 -8.14 19.23
N LEU B 242 44.15 -7.23 19.06
CA LEU B 242 43.48 -6.56 20.16
C LEU B 242 42.58 -7.46 20.97
N GLY B 243 42.03 -8.49 20.37
CA GLY B 243 41.01 -9.29 21.04
C GLY B 243 41.35 -9.70 22.45
N ASN B 244 42.52 -10.28 22.59
CA ASN B 244 42.94 -10.80 23.88
C ASN B 244 42.93 -9.72 24.98
N ALA B 245 43.65 -8.64 24.73
CA ALA B 245 43.78 -7.57 25.72
C ALA B 245 42.45 -6.90 26.03
N VAL B 246 41.60 -6.73 25.00
CA VAL B 246 40.31 -6.10 25.18
C VAL B 246 39.37 -6.92 26.06
N ASN B 247 39.42 -8.23 25.88
CA ASN B 247 38.70 -9.19 26.70
C ASN B 247 39.10 -9.14 28.18
N LEU B 248 40.41 -9.19 28.42
CA LEU B 248 40.99 -9.05 29.75
C LEU B 248 40.60 -7.71 30.41
N ALA B 249 40.56 -6.64 29.62
CA ALA B 249 40.16 -5.31 30.10
C ALA B 249 38.70 -5.25 30.51
N VAL B 250 37.81 -5.80 29.69
CA VAL B 250 36.40 -5.90 30.05
C VAL B 250 36.26 -6.60 31.41
N LEU B 251 36.94 -7.74 31.59
CA LEU B 251 36.88 -8.47 32.87
C LEU B 251 37.39 -7.60 34.02
N LYS B 252 38.51 -6.91 33.82
CA LYS B 252 39.01 -5.99 34.85
C LYS B 252 38.06 -4.85 35.19
N LEU B 253 37.52 -4.21 34.17
CA LEU B 253 36.53 -3.16 34.42
C LEU B 253 35.31 -3.62 35.19
N ASN B 254 34.77 -4.77 34.84
CA ASN B 254 33.66 -5.34 35.63
C ASN B 254 34.03 -5.60 37.11
N GLU B 255 35.18 -6.19 37.33
CA GLU B 255 35.59 -6.53 38.67
C GLU B 255 35.99 -5.32 39.56
N GLN B 256 36.48 -4.24 38.96
CA GLN B 256 36.75 -2.99 39.69
C GLN B 256 35.46 -2.17 39.96
N GLY B 257 34.32 -2.62 39.44
CA GLY B 257 33.03 -1.99 39.69
C GLY B 257 32.75 -0.89 38.70
N LEU B 258 33.60 -0.77 37.70
CA LEU B 258 33.53 0.36 36.77
C LEU B 258 32.31 0.24 35.88
N LEU B 259 32.04 -0.96 35.37
CA LEU B 259 30.87 -1.14 34.51
C LEU B 259 29.55 -0.81 35.24
N ASP B 260 29.45 -1.19 36.50
CA ASP B 260 28.26 -0.84 37.35
C ASP B 260 28.12 0.67 37.63
N LYS B 261 29.24 1.33 37.87
CA LYS B 261 29.33 2.80 37.94
C LYS B 261 28.88 3.51 36.65
N LEU B 262 29.32 3.01 35.51
CA LEU B 262 28.88 3.50 34.19
C LEU B 262 27.38 3.32 33.91
N LYS B 263 26.84 2.15 34.23
CA LYS B 263 25.36 1.92 34.19
C LYS B 263 24.58 2.91 35.04
N ASN B 264 24.97 3.08 36.29
CA ASN B 264 24.34 4.09 37.14
C ASN B 264 24.49 5.53 36.63
N LYS B 265 25.67 5.91 36.12
CA LYS B 265 25.89 7.24 35.55
C LYS B 265 24.92 7.58 34.42
N TRP B 266 24.79 6.68 33.43
CA TRP B 266 23.98 6.93 32.22
C TRP B 266 22.49 6.50 32.30
N TRP B 267 22.14 5.62 33.23
CA TRP B 267 20.72 5.28 33.40
C TRP B 267 20.15 6.02 34.60
N TYR B 268 20.54 5.62 35.79
CA TYR B 268 19.88 6.08 37.00
C TYR B 268 20.10 7.56 37.36
N ASP B 269 21.35 7.99 37.31
CA ASP B 269 21.68 9.39 37.61
C ASP B 269 21.04 10.31 36.55
N LYS B 270 20.97 9.85 35.29
CA LYS B 270 20.33 10.65 34.22
C LYS B 270 18.78 10.84 34.42
N GLY B 271 18.10 9.77 34.87
CA GLY B 271 16.68 9.77 35.24
C GLY B 271 15.93 11.09 35.35
N GLU B 272 14.86 11.21 34.55
CA GLU B 272 14.00 12.41 34.47
C GLU B 272 12.56 12.19 34.93
N CYS B 273 12.17 10.97 35.34
CA CYS B 273 10.74 10.64 35.62
C CYS B 273 10.42 10.10 37.03
N THR C 17 -7.67 -15.08 -36.92
CA THR C 17 -8.90 -15.12 -36.07
C THR C 17 -8.53 -15.42 -34.62
N VAL C 18 -8.79 -14.45 -33.76
CA VAL C 18 -8.35 -14.51 -32.38
C VAL C 18 -9.35 -15.42 -31.64
N VAL C 19 -8.83 -16.39 -30.91
CA VAL C 19 -9.66 -17.24 -30.04
C VAL C 19 -9.84 -16.54 -28.72
N VAL C 20 -11.07 -16.11 -28.46
CA VAL C 20 -11.42 -15.48 -27.20
C VAL C 20 -12.04 -16.49 -26.25
N THR C 21 -11.47 -16.62 -25.05
CA THR C 21 -12.07 -17.38 -23.99
C THR C 21 -12.89 -16.48 -23.10
N THR C 22 -14.09 -16.96 -22.76
CA THR C 22 -15.00 -16.22 -21.94
C THR C 22 -15.86 -17.24 -21.19
N ILE C 23 -16.78 -16.74 -20.37
CA ILE C 23 -17.53 -17.55 -19.42
C ILE C 23 -19.00 -17.12 -19.44
N LEU C 24 -19.92 -18.09 -19.38
CA LEU C 24 -21.36 -17.83 -19.26
C LEU C 24 -21.63 -17.31 -17.84
N GLU C 25 -21.79 -16.00 -17.73
CA GLU C 25 -21.96 -15.30 -16.46
C GLU C 25 -22.72 -14.03 -16.77
N SER C 26 -23.92 -13.90 -16.23
CA SER C 26 -24.76 -12.75 -16.48
C SER C 26 -24.31 -11.51 -15.69
N PRO C 27 -24.44 -10.31 -16.30
CA PRO C 27 -24.91 -10.06 -17.65
C PRO C 27 -23.74 -9.85 -18.62
N TYR C 28 -22.62 -10.52 -18.38
CA TYR C 28 -21.41 -10.38 -19.15
C TYR C 28 -21.49 -11.14 -20.46
N VAL C 29 -21.85 -12.41 -20.37
CA VAL C 29 -22.07 -13.26 -21.55
C VAL C 29 -23.22 -14.21 -21.23
N MET C 30 -24.26 -14.16 -22.08
CA MET C 30 -25.46 -14.94 -21.89
C MET C 30 -25.83 -15.46 -23.26
N MET C 31 -26.43 -16.64 -23.33
CA MET C 31 -27.02 -17.10 -24.61
C MET C 31 -28.24 -16.26 -24.88
N LYS C 32 -28.37 -15.75 -26.11
CA LYS C 32 -29.56 -15.02 -26.51
C LYS C 32 -30.78 -15.95 -26.41
N LYS C 33 -31.95 -15.41 -26.11
CA LYS C 33 -33.21 -16.21 -26.14
C LYS C 33 -33.36 -17.10 -27.38
N ASN C 34 -33.01 -16.57 -28.56
CA ASN C 34 -33.11 -17.33 -29.83
C ASN C 34 -31.81 -17.93 -30.31
N HIS C 35 -30.92 -18.25 -29.40
CA HIS C 35 -29.58 -18.66 -29.75
C HIS C 35 -29.54 -19.90 -30.64
N GLU C 36 -30.56 -20.77 -30.60
CA GLU C 36 -30.52 -22.02 -31.36
C GLU C 36 -30.69 -21.80 -32.87
N MET C 37 -31.30 -20.68 -33.26
CA MET C 37 -31.42 -20.31 -34.69
C MET C 37 -30.22 -19.50 -35.23
N LEU C 38 -29.24 -19.24 -34.34
CA LEU C 38 -28.09 -18.37 -34.61
C LEU C 38 -26.79 -19.15 -34.57
N GLU C 39 -25.74 -18.56 -35.15
CA GLU C 39 -24.43 -19.25 -35.21
C GLU C 39 -23.28 -18.37 -34.78
N GLY C 40 -22.22 -19.03 -34.33
CA GLY C 40 -21.00 -18.33 -33.95
C GLY C 40 -21.19 -17.31 -32.88
N ASN C 41 -20.55 -16.16 -33.04
CA ASN C 41 -20.58 -15.11 -32.03
C ASN C 41 -21.97 -14.55 -31.78
N GLU C 42 -22.83 -14.64 -32.79
CA GLU C 42 -24.19 -14.12 -32.73
C GLU C 42 -25.12 -14.84 -31.73
N ARG C 43 -24.72 -16.01 -31.22
CA ARG C 43 -25.50 -16.77 -30.21
C ARG C 43 -25.55 -16.08 -28.86
N TYR C 44 -24.60 -15.22 -28.60
CA TYR C 44 -24.33 -14.66 -27.30
C TYR C 44 -24.59 -13.16 -27.24
N GLU C 45 -24.87 -12.68 -26.03
CA GLU C 45 -25.06 -11.24 -25.74
C GLU C 45 -24.59 -10.94 -24.33
N GLY C 46 -24.29 -9.66 -24.11
CA GLY C 46 -23.96 -9.20 -22.79
C GLY C 46 -22.85 -8.18 -22.83
N TYR C 47 -22.51 -7.69 -21.66
CA TYR C 47 -21.54 -6.64 -21.57
C TYR C 47 -20.25 -7.03 -22.28
N CYS C 48 -19.76 -8.24 -22.01
CA CYS C 48 -18.43 -8.66 -22.53
C CYS C 48 -18.46 -9.00 -24.01
N VAL C 49 -19.67 -9.39 -24.51
CA VAL C 49 -19.96 -9.62 -25.93
C VAL C 49 -19.84 -8.29 -26.69
N ASP C 50 -20.47 -7.22 -26.17
CA ASP C 50 -20.30 -5.89 -26.77
C ASP C 50 -18.86 -5.39 -26.62
N LEU C 51 -18.25 -5.60 -25.46
CA LEU C 51 -16.88 -5.20 -25.23
C LEU C 51 -15.92 -5.85 -26.23
N ALA C 52 -16.07 -7.16 -26.43
CA ALA C 52 -15.28 -7.94 -27.37
C ALA C 52 -15.32 -7.35 -28.78
N ALA C 53 -16.54 -7.04 -29.22
CA ALA C 53 -16.79 -6.47 -30.54
C ALA C 53 -16.06 -5.14 -30.65
N GLU C 54 -16.08 -4.38 -29.58
CA GLU C 54 -15.44 -3.04 -29.58
C GLU C 54 -13.90 -3.14 -29.62
N ILE C 55 -13.33 -3.88 -28.68
CA ILE C 55 -11.90 -4.14 -28.70
C ILE C 55 -11.43 -4.66 -30.06
N ALA C 56 -12.12 -5.63 -30.63
CA ALA C 56 -11.75 -6.18 -31.93
C ALA C 56 -11.74 -5.11 -33.00
N LYS C 57 -12.76 -4.26 -32.94
CA LYS C 57 -12.93 -3.20 -33.92
C LYS C 57 -11.74 -2.24 -33.85
N HIS C 58 -11.35 -1.82 -32.65
CA HIS C 58 -10.21 -0.91 -32.47
C HIS C 58 -8.84 -1.52 -32.70
N CYS C 59 -8.69 -2.82 -32.41
CA CYS C 59 -7.40 -3.47 -32.61
C CYS C 59 -7.30 -4.12 -33.98
N GLY C 60 -8.38 -4.01 -34.77
CA GLY C 60 -8.46 -4.59 -36.08
C GLY C 60 -8.24 -6.08 -36.15
N PHE C 61 -8.93 -6.86 -35.32
CA PHE C 61 -8.90 -8.32 -35.50
C PHE C 61 -10.26 -8.98 -35.71
N LYS C 62 -10.23 -10.14 -36.35
CA LYS C 62 -11.39 -11.05 -36.29
C LYS C 62 -11.25 -12.04 -35.12
N TYR C 63 -12.39 -12.48 -34.60
CA TYR C 63 -12.41 -13.31 -33.37
C TYR C 63 -13.55 -14.30 -33.28
N LYS C 64 -13.29 -15.29 -32.46
CA LYS C 64 -14.19 -16.35 -32.14
C LYS C 64 -14.40 -16.41 -30.64
N LEU C 65 -15.62 -16.17 -30.20
CA LEU C 65 -16.00 -16.37 -28.78
C LEU C 65 -16.17 -17.86 -28.50
N THR C 66 -15.48 -18.33 -27.47
CA THR C 66 -15.53 -19.72 -27.02
C THR C 66 -15.79 -19.66 -25.50
N ILE C 67 -16.61 -20.56 -24.99
CA ILE C 67 -16.89 -20.60 -23.57
C ILE C 67 -15.88 -21.54 -22.94
N VAL C 68 -15.18 -21.07 -21.92
CA VAL C 68 -14.14 -21.80 -21.24
C VAL C 68 -14.59 -23.26 -20.97
N GLY C 69 -13.71 -24.22 -21.24
CA GLY C 69 -14.12 -25.62 -21.24
C GLY C 69 -14.57 -26.17 -19.88
N ASP C 70 -13.85 -25.76 -18.82
CA ASP C 70 -14.13 -26.26 -17.48
C ASP C 70 -15.05 -25.34 -16.66
N GLY C 71 -15.51 -24.24 -17.28
CA GLY C 71 -16.43 -23.30 -16.67
C GLY C 71 -15.89 -22.47 -15.52
N LYS C 72 -14.57 -22.38 -15.40
CA LYS C 72 -13.93 -21.72 -14.26
C LYS C 72 -13.22 -20.47 -14.66
N TYR C 73 -12.98 -19.63 -13.66
CA TYR C 73 -12.24 -18.39 -13.84
C TYR C 73 -10.72 -18.60 -13.97
N GLY C 74 -10.20 -19.29 -12.99
CA GLY C 74 -8.82 -19.74 -13.01
C GLY C 74 -8.19 -19.72 -11.64
N ALA C 75 -7.74 -20.90 -11.18
CA ALA C 75 -6.91 -21.03 -9.99
C ALA C 75 -5.83 -22.08 -10.26
N ARG C 76 -4.76 -22.03 -9.47
CA ARG C 76 -3.64 -22.92 -9.55
C ARG C 76 -3.75 -24.07 -8.51
N ASP C 77 -3.75 -25.28 -9.01
CA ASP C 77 -3.74 -26.45 -8.15
C ASP C 77 -2.45 -26.43 -7.30
N ALA C 78 -2.62 -26.47 -5.98
CA ALA C 78 -1.49 -26.31 -5.05
C ALA C 78 -0.45 -27.42 -5.21
N ASP C 79 -0.89 -28.60 -5.62
CA ASP C 79 -0.01 -29.78 -5.71
C ASP C 79 0.61 -29.94 -7.09
N THR C 80 -0.20 -29.92 -8.14
CA THR C 80 0.38 -30.00 -9.49
C THR C 80 0.89 -28.65 -10.04
N LYS C 81 0.42 -27.53 -9.51
CA LYS C 81 0.73 -26.19 -10.08
C LYS C 81 0.15 -25.98 -11.48
N ILE C 82 -0.84 -26.77 -11.84
CA ILE C 82 -1.57 -26.60 -13.10
C ILE C 82 -2.70 -25.58 -12.91
N TRP C 83 -2.77 -24.63 -13.83
CA TRP C 83 -3.84 -23.66 -13.86
C TRP C 83 -5.07 -24.18 -14.59
N ASN C 84 -6.24 -23.94 -13.99
CA ASN C 84 -7.51 -24.22 -14.64
C ASN C 84 -8.17 -22.93 -15.15
N GLY C 85 -9.40 -23.08 -15.66
CA GLY C 85 -10.24 -21.96 -16.06
C GLY C 85 -9.70 -21.17 -17.24
N MET C 86 -10.20 -19.96 -17.40
CA MET C 86 -9.72 -19.10 -18.50
C MET C 86 -8.22 -18.80 -18.39
N VAL C 87 -7.73 -18.67 -17.16
CA VAL C 87 -6.31 -18.46 -16.91
C VAL C 87 -5.54 -19.59 -17.54
N GLY C 88 -5.88 -20.84 -17.21
CA GLY C 88 -5.19 -21.98 -17.78
C GLY C 88 -5.26 -22.05 -19.30
N GLU C 89 -6.42 -21.73 -19.85
CA GLU C 89 -6.53 -21.63 -21.31
C GLU C 89 -5.55 -20.67 -22.00
N LEU C 90 -5.26 -19.54 -21.36
CA LEU C 90 -4.22 -18.62 -21.85
C LEU C 90 -2.83 -19.16 -21.61
N VAL C 91 -2.63 -19.63 -20.38
CA VAL C 91 -1.34 -20.19 -19.98
C VAL C 91 -0.90 -21.37 -20.86
N TYR C 92 -1.86 -22.23 -21.24
CA TYR C 92 -1.55 -23.40 -22.05
C TYR C 92 -1.66 -23.16 -23.55
N GLY C 93 -2.02 -21.95 -23.95
CA GLY C 93 -2.11 -21.62 -25.39
C GLY C 93 -3.39 -22.11 -26.08
N LYS C 94 -4.44 -22.32 -25.31
CA LYS C 94 -5.72 -22.78 -25.85
C LYS C 94 -6.62 -21.59 -26.27
N ALA C 95 -6.41 -20.44 -25.66
CA ALA C 95 -7.06 -19.19 -26.09
C ALA C 95 -6.01 -18.07 -26.29
N ASP C 96 -6.37 -17.05 -27.07
CA ASP C 96 -5.50 -15.90 -27.36
C ASP C 96 -5.78 -14.71 -26.44
N ILE C 97 -6.97 -14.66 -25.87
CA ILE C 97 -7.36 -13.53 -25.06
C ILE C 97 -8.58 -13.96 -24.27
N ALA C 98 -8.68 -13.47 -23.05
CA ALA C 98 -9.83 -13.71 -22.22
C ALA C 98 -10.53 -12.38 -22.03
N ILE C 99 -11.80 -12.33 -22.46
CA ILE C 99 -12.66 -11.14 -22.29
C ILE C 99 -13.86 -11.56 -21.46
N ALA C 100 -13.77 -11.25 -20.15
CA ALA C 100 -14.61 -11.82 -19.12
C ALA C 100 -14.50 -11.00 -17.82
N PRO C 101 -15.42 -11.19 -16.87
CA PRO C 101 -15.28 -10.58 -15.54
C PRO C 101 -14.16 -11.22 -14.69
N LEU C 102 -12.95 -11.14 -15.21
CA LEU C 102 -11.79 -11.84 -14.67
C LEU C 102 -10.97 -10.85 -13.87
N THR C 103 -10.88 -11.12 -12.56
CA THR C 103 -10.30 -10.22 -11.59
C THR C 103 -8.77 -10.18 -11.75
N ILE C 104 -8.23 -8.96 -11.80
CA ILE C 104 -6.81 -8.72 -11.79
C ILE C 104 -6.28 -8.97 -10.36
N THR C 105 -5.38 -9.96 -10.28
CA THR C 105 -4.77 -10.41 -9.01
C THR C 105 -3.29 -10.65 -9.26
N LEU C 106 -2.53 -10.58 -8.18
CA LEU C 106 -1.10 -10.75 -8.18
C LEU C 106 -0.69 -12.15 -8.64
N VAL C 107 -1.32 -13.21 -8.14
CA VAL C 107 -0.93 -14.58 -8.57
C VAL C 107 -1.16 -14.74 -10.07
N ARG C 108 -2.25 -14.16 -10.58
CA ARG C 108 -2.53 -14.26 -12.00
C ARG C 108 -1.59 -13.37 -12.81
N GLU C 109 -1.37 -12.12 -12.36
CA GLU C 109 -0.51 -11.21 -13.13
C GLU C 109 0.94 -11.76 -13.26
N GLU C 110 1.31 -12.70 -12.40
CA GLU C 110 2.58 -13.41 -12.51
C GLU C 110 2.68 -14.39 -13.71
N VAL C 111 1.55 -14.92 -14.18
CA VAL C 111 1.53 -15.87 -15.29
C VAL C 111 0.85 -15.35 -16.59
N ILE C 112 -0.02 -14.36 -16.48
CA ILE C 112 -0.68 -13.78 -17.63
C ILE C 112 -0.58 -12.25 -17.58
N ASP C 113 -0.84 -11.61 -18.72
CA ASP C 113 -0.90 -10.14 -18.79
C ASP C 113 -2.32 -9.62 -18.66
N PHE C 114 -2.51 -8.50 -18.00
CA PHE C 114 -3.87 -7.87 -17.90
C PHE C 114 -3.81 -6.43 -18.43
N SER C 115 -4.86 -6.07 -19.15
CA SER C 115 -5.07 -4.70 -19.47
C SER C 115 -5.32 -3.91 -18.18
N LYS C 116 -5.19 -2.61 -18.28
CA LYS C 116 -5.80 -1.71 -17.34
C LYS C 116 -7.27 -2.14 -17.14
N PRO C 117 -7.80 -1.98 -15.93
CA PRO C 117 -9.18 -2.45 -15.64
C PRO C 117 -10.31 -1.77 -16.46
N PHE C 118 -11.34 -2.54 -16.84
CA PHE C 118 -12.48 -1.99 -17.56
C PHE C 118 -13.67 -1.80 -16.67
N MET C 119 -13.59 -2.34 -15.46
CA MET C 119 -14.69 -2.23 -14.52
C MET C 119 -14.16 -2.44 -13.11
N SER C 120 -14.73 -1.69 -12.16
CA SER C 120 -14.38 -1.82 -10.75
C SER C 120 -15.41 -2.70 -10.03
N LEU C 121 -14.94 -3.35 -8.99
CA LEU C 121 -15.77 -4.20 -8.18
C LEU C 121 -15.13 -4.35 -6.80
N GLY C 122 -15.92 -4.87 -5.87
CA GLY C 122 -15.40 -5.40 -4.62
C GLY C 122 -16.23 -6.58 -4.18
N ILE C 123 -15.66 -7.42 -3.31
CA ILE C 123 -16.44 -8.51 -2.64
C ILE C 123 -17.58 -7.91 -1.81
N SER C 124 -18.76 -8.48 -1.96
CA SER C 124 -19.98 -8.02 -1.29
C SER C 124 -20.79 -9.20 -0.79
N ILE C 125 -21.79 -8.90 0.03
CA ILE C 125 -22.67 -9.91 0.62
C ILE C 125 -24.05 -9.85 0.00
N MET C 126 -24.49 -10.99 -0.50
CA MET C 126 -25.87 -11.19 -0.97
C MET C 126 -26.66 -11.93 0.06
N ILE C 127 -27.79 -11.34 0.45
CA ILE C 127 -28.80 -12.03 1.28
C ILE C 127 -30.16 -12.24 0.61
N LYS C 128 -30.88 -13.27 1.04
CA LYS C 128 -32.34 -13.29 0.79
C LYS C 128 -32.94 -12.15 1.62
N LYS C 129 -33.85 -11.38 1.01
CA LYS C 129 -34.49 -10.29 1.67
C LYS C 129 -35.02 -10.72 3.04
N GLY C 130 -34.66 -9.95 4.06
CA GLY C 130 -35.20 -10.09 5.40
C GLY C 130 -34.23 -10.80 6.31
N THR C 131 -33.18 -11.36 5.72
CA THR C 131 -32.12 -11.98 6.46
C THR C 131 -31.54 -10.94 7.41
N PRO C 132 -31.35 -11.32 8.84
CA PRO C 132 -30.85 -10.30 9.74
C PRO C 132 -29.33 -10.25 9.74
N ILE C 133 -28.74 -9.84 8.64
CA ILE C 133 -27.28 -9.68 8.50
C ILE C 133 -27.07 -8.36 7.80
N GLU C 134 -26.25 -7.50 8.40
CA GLU C 134 -25.88 -6.20 7.79
C GLU C 134 -24.43 -6.09 7.31
N SER C 135 -23.54 -7.00 7.75
CA SER C 135 -22.11 -6.85 7.47
C SER C 135 -21.37 -8.18 7.55
N ALA C 136 -20.16 -8.21 7.03
CA ALA C 136 -19.31 -9.39 7.12
C ALA C 136 -19.09 -9.74 8.60
N GLU C 137 -18.81 -8.72 9.43
CA GLU C 137 -18.78 -8.90 10.90
C GLU C 137 -20.00 -9.63 11.49
N ASP C 138 -21.22 -9.29 11.06
CA ASP C 138 -22.46 -10.01 11.51
C ASP C 138 -22.40 -11.49 11.16
N LEU C 139 -22.05 -11.78 9.89
CA LEU C 139 -21.83 -13.16 9.44
C LEU C 139 -20.86 -13.88 10.37
N SER C 140 -19.70 -13.27 10.58
CA SER C 140 -18.62 -13.92 11.30
C SER C 140 -19.04 -14.30 12.72
N LYS C 141 -19.94 -13.51 13.32
CA LYS C 141 -20.34 -13.62 14.74
C LYS C 141 -21.48 -14.63 15.05
N GLN C 142 -21.80 -15.52 14.11
CA GLN C 142 -22.97 -16.40 14.22
C GLN C 142 -22.82 -17.61 13.30
N THR C 143 -23.63 -18.63 13.55
CA THR C 143 -23.50 -19.94 12.88
C THR C 143 -24.81 -20.42 12.20
N GLU C 144 -25.93 -19.87 12.67
CA GLU C 144 -27.26 -20.09 12.11
C GLU C 144 -27.36 -19.89 10.60
N ILE C 145 -26.82 -18.79 10.09
CA ILE C 145 -26.83 -18.50 8.66
C ILE C 145 -25.47 -18.88 8.06
N ALA C 146 -25.51 -19.87 7.17
CA ALA C 146 -24.32 -20.36 6.51
C ALA C 146 -23.93 -19.43 5.38
N TYR C 147 -22.66 -19.45 5.03
CA TYR C 147 -22.22 -18.60 3.97
C TYR C 147 -21.01 -19.17 3.33
N GLY C 148 -20.87 -18.88 2.03
CA GLY C 148 -19.73 -19.34 1.23
C GLY C 148 -19.50 -18.48 0.01
N THR C 149 -18.65 -18.97 -0.86
CA THR C 149 -18.15 -18.26 -2.03
C THR C 149 -18.11 -19.20 -3.24
N LEU C 150 -17.76 -18.65 -4.40
CA LEU C 150 -17.42 -19.42 -5.59
C LEU C 150 -16.11 -20.18 -5.46
N ASP C 151 -16.10 -21.38 -6.02
CA ASP C 151 -14.88 -22.18 -6.12
C ASP C 151 -14.01 -21.69 -7.28
N SER C 152 -12.70 -21.72 -7.08
CA SER C 152 -11.73 -21.51 -8.19
C SER C 152 -11.71 -20.07 -8.74
N GLY C 153 -12.04 -19.12 -7.86
CA GLY C 153 -12.10 -17.71 -8.24
C GLY C 153 -11.40 -16.85 -7.22
N SER C 154 -11.39 -15.54 -7.47
CA SER C 154 -10.60 -14.62 -6.68
C SER C 154 -11.24 -14.35 -5.32
N THR C 155 -12.55 -14.57 -5.20
CA THR C 155 -13.21 -14.31 -3.91
C THR C 155 -12.75 -15.34 -2.86
N LYS C 156 -12.68 -16.61 -3.27
CA LYS C 156 -12.24 -17.65 -2.36
C LYS C 156 -10.80 -17.37 -1.89
N GLU C 157 -9.93 -17.01 -2.82
CA GLU C 157 -8.56 -16.70 -2.47
C GLU C 157 -8.46 -15.48 -1.51
N PHE C 158 -9.27 -14.43 -1.72
CA PHE C 158 -9.28 -13.30 -0.77
C PHE C 158 -9.41 -13.84 0.68
N PHE C 159 -10.41 -14.67 0.92
CA PHE C 159 -10.63 -15.24 2.26
C PHE C 159 -9.52 -16.21 2.67
N ARG C 160 -9.09 -17.05 1.73
CA ARG C 160 -7.97 -17.95 1.93
C ARG C 160 -6.76 -17.19 2.48
N ARG C 161 -6.45 -16.03 1.88
CA ARG C 161 -5.26 -15.26 2.24
C ARG C 161 -5.43 -14.12 3.24
N SER C 162 -6.66 -13.80 3.64
CA SER C 162 -6.86 -12.60 4.47
C SER C 162 -6.36 -12.76 5.90
N LYS C 163 -5.68 -11.73 6.41
CA LYS C 163 -5.28 -11.69 7.81
C LYS C 163 -6.14 -10.75 8.66
N ILE C 164 -6.99 -9.95 8.04
CA ILE C 164 -7.99 -9.16 8.75
C ILE C 164 -8.83 -10.16 9.55
N ALA C 165 -8.94 -9.90 10.86
CA ALA C 165 -9.57 -10.79 11.84
C ALA C 165 -10.95 -11.34 11.44
N VAL C 166 -11.84 -10.46 11.01
CA VAL C 166 -13.17 -10.86 10.61
C VAL C 166 -13.13 -11.82 9.40
N PHE C 167 -12.29 -11.51 8.41
CA PHE C 167 -12.24 -12.33 7.20
C PHE C 167 -11.57 -13.70 7.48
N ASP C 168 -10.52 -13.69 8.30
CA ASP C 168 -9.87 -14.93 8.74
C ASP C 168 -10.84 -15.84 9.52
N LYS C 169 -11.66 -15.23 10.38
CA LYS C 169 -12.67 -15.98 11.14
C LYS C 169 -13.68 -16.61 10.17
N MET C 170 -14.15 -15.80 9.22
CA MET C 170 -15.03 -16.27 8.15
C MET C 170 -14.43 -17.42 7.36
N TRP C 171 -13.15 -17.33 7.04
CA TRP C 171 -12.48 -18.37 6.28
C TRP C 171 -12.38 -19.67 7.06
N THR C 172 -11.98 -19.57 8.32
CA THR C 172 -11.76 -20.74 9.17
C THR C 172 -13.07 -21.51 9.22
N TYR C 173 -14.15 -20.76 9.34
CA TYR C 173 -15.49 -21.33 9.23
C TYR C 173 -15.80 -21.97 7.86
N MET C 174 -15.61 -21.23 6.77
CA MET C 174 -16.07 -21.68 5.43
C MET C 174 -15.40 -22.97 4.96
N ARG C 175 -14.09 -23.02 5.11
CA ARG C 175 -13.31 -24.13 4.60
C ARG C 175 -13.57 -25.43 5.31
N SER C 176 -14.03 -25.37 6.57
CA SER C 176 -14.34 -26.57 7.33
C SER C 176 -15.83 -26.85 7.37
N ALA C 177 -16.62 -25.94 6.80
CA ALA C 177 -18.08 -26.06 6.80
C ALA C 177 -18.52 -27.40 6.23
N GLU C 178 -19.50 -28.01 6.90
CA GLU C 178 -20.09 -29.31 6.50
C GLU C 178 -21.63 -29.22 6.66
N PRO C 179 -22.39 -29.26 5.55
CA PRO C 179 -21.96 -29.60 4.19
C PRO C 179 -21.34 -28.38 3.54
N SER C 180 -20.71 -28.57 2.39
CA SER C 180 -19.91 -27.52 1.79
C SER C 180 -20.73 -26.28 1.51
N VAL C 181 -20.10 -25.13 1.73
CA VAL C 181 -20.73 -23.82 1.53
C VAL C 181 -20.30 -23.21 0.18
N PHE C 182 -19.36 -23.88 -0.51
CA PHE C 182 -18.85 -23.37 -1.78
C PHE C 182 -19.70 -23.92 -2.92
N VAL C 183 -19.71 -23.19 -4.03
CA VAL C 183 -20.55 -23.49 -5.18
C VAL C 183 -19.68 -23.47 -6.44
N ARG C 184 -20.13 -24.09 -7.51
CA ARG C 184 -19.32 -24.17 -8.73
C ARG C 184 -19.52 -23.03 -9.69
N THR C 185 -20.64 -22.35 -9.54
CA THR C 185 -20.98 -21.24 -10.40
C THR C 185 -21.74 -20.24 -9.61
N THR C 186 -21.78 -19.03 -10.16
CA THR C 186 -22.47 -17.94 -9.51
C THR C 186 -23.95 -18.22 -9.36
N ALA C 187 -24.55 -18.68 -10.46
CA ALA C 187 -25.93 -19.07 -10.52
C ALA C 187 -26.28 -20.04 -9.41
N GLU C 188 -25.39 -20.99 -9.13
CA GLU C 188 -25.57 -21.93 -8.03
C GLU C 188 -25.56 -21.22 -6.66
N GLY C 189 -24.66 -20.26 -6.45
CA GLY C 189 -24.64 -19.46 -5.21
C GLY C 189 -25.96 -18.72 -5.04
N VAL C 190 -26.42 -18.10 -6.12
CA VAL C 190 -27.65 -17.32 -6.06
C VAL C 190 -28.90 -18.19 -5.81
N ALA C 191 -29.04 -19.27 -6.56
CA ALA C 191 -30.15 -20.21 -6.33
C ALA C 191 -30.08 -20.73 -4.91
N ARG C 192 -28.87 -20.96 -4.37
CA ARG C 192 -28.73 -21.39 -2.96
C ARG C 192 -29.26 -20.38 -1.94
N VAL C 193 -28.94 -19.12 -2.11
CA VAL C 193 -29.58 -18.07 -1.29
C VAL C 193 -31.12 -18.12 -1.43
N ARG C 194 -31.60 -18.14 -2.66
CA ARG C 194 -33.04 -18.02 -2.91
C ARG C 194 -33.87 -19.16 -2.33
N LYS C 195 -33.35 -20.39 -2.35
CA LYS C 195 -34.09 -21.56 -1.85
C LYS C 195 -33.87 -21.78 -0.36
N SER C 196 -32.97 -21.03 0.27
CA SER C 196 -32.52 -21.40 1.63
C SER C 196 -33.26 -20.66 2.76
N LYS C 197 -34.37 -20.01 2.43
CA LYS C 197 -35.26 -19.39 3.43
C LYS C 197 -34.51 -18.49 4.43
N GLY C 198 -33.45 -17.83 3.97
CA GLY C 198 -32.65 -16.95 4.82
C GLY C 198 -31.40 -17.54 5.47
N LYS C 199 -31.14 -18.82 5.29
CA LYS C 199 -30.09 -19.53 6.07
C LYS C 199 -28.79 -19.75 5.31
N TYR C 200 -28.71 -19.19 4.11
CA TYR C 200 -27.47 -19.11 3.34
C TYR C 200 -27.27 -17.67 2.84
N ALA C 201 -26.08 -17.12 3.06
CA ALA C 201 -25.65 -15.88 2.45
C ALA C 201 -24.47 -16.15 1.50
N TYR C 202 -24.42 -15.40 0.40
CA TYR C 202 -23.43 -15.63 -0.64
C TYR C 202 -22.47 -14.45 -0.79
N LEU C 203 -21.18 -14.75 -0.79
CA LEU C 203 -20.13 -13.75 -0.98
C LEU C 203 -19.71 -13.77 -2.43
N LEU C 204 -19.81 -12.60 -3.06
CA LEU C 204 -19.67 -12.47 -4.50
C LEU C 204 -19.40 -11.04 -4.87
N GLU C 205 -18.99 -10.85 -6.09
CA GLU C 205 -18.52 -9.53 -6.52
C GLU C 205 -19.72 -8.61 -6.71
N SER C 206 -19.54 -7.36 -6.30
CA SER C 206 -20.59 -6.35 -6.23
C SER C 206 -21.31 -6.14 -7.55
N THR C 207 -20.56 -6.17 -8.64
CA THR C 207 -21.10 -6.16 -9.99
C THR C 207 -22.21 -7.23 -10.18
N MET C 208 -21.91 -8.47 -9.81
CA MET C 208 -22.85 -9.56 -10.01
C MET C 208 -24.05 -9.45 -9.02
N ASN C 209 -23.74 -9.11 -7.78
CA ASN C 209 -24.72 -8.90 -6.74
C ASN C 209 -25.76 -7.80 -7.15
N GLU C 210 -25.27 -6.63 -7.58
CA GLU C 210 -26.10 -5.52 -8.05
C GLU C 210 -26.97 -5.84 -9.29
N TYR C 211 -26.41 -6.59 -10.25
CA TYR C 211 -27.18 -7.11 -11.40
C TYR C 211 -28.36 -7.91 -10.90
N ILE C 212 -28.09 -8.93 -10.08
CA ILE C 212 -29.11 -9.90 -9.62
C ILE C 212 -30.19 -9.23 -8.76
N GLU C 213 -29.78 -8.26 -7.94
CA GLU C 213 -30.72 -7.45 -7.15
C GLU C 213 -31.82 -6.75 -7.99
N GLN C 214 -31.49 -6.44 -9.25
CA GLN C 214 -32.43 -5.79 -10.18
C GLN C 214 -33.18 -6.77 -11.10
N ARG C 215 -33.12 -8.07 -10.85
CA ARG C 215 -33.86 -9.03 -11.67
C ARG C 215 -34.91 -9.74 -10.82
N LYS C 216 -36.04 -10.09 -11.44
CA LYS C 216 -37.06 -10.94 -10.81
C LYS C 216 -36.41 -12.25 -10.41
N PRO C 217 -36.90 -12.90 -9.32
CA PRO C 217 -37.99 -12.50 -8.44
C PRO C 217 -37.77 -11.36 -7.44
N CYS C 218 -36.69 -10.61 -7.54
CA CYS C 218 -36.47 -9.46 -6.66
C CYS C 218 -36.47 -9.84 -5.18
N ASP C 219 -35.83 -10.95 -4.85
CA ASP C 219 -35.87 -11.50 -3.49
C ASP C 219 -34.47 -11.52 -2.85
N THR C 220 -33.48 -10.94 -3.54
CA THR C 220 -32.19 -10.76 -2.95
C THR C 220 -31.78 -9.28 -2.82
N MET C 221 -30.75 -9.07 -2.02
CA MET C 221 -30.28 -7.76 -1.69
C MET C 221 -28.80 -7.79 -1.37
N LYS C 222 -28.10 -6.76 -1.81
CA LYS C 222 -26.73 -6.51 -1.39
C LYS C 222 -26.81 -5.77 -0.06
N VAL C 223 -26.06 -6.24 0.93
CA VAL C 223 -25.99 -5.53 2.21
C VAL C 223 -24.54 -5.22 2.58
N GLY C 224 -24.32 -4.05 3.17
CA GLY C 224 -23.02 -3.69 3.71
C GLY C 224 -22.15 -3.09 2.63
N GLY C 225 -20.94 -2.69 3.00
CA GLY C 225 -19.99 -2.15 2.03
C GLY C 225 -19.21 -3.27 1.37
N ASN C 226 -18.43 -2.93 0.34
CA ASN C 226 -17.60 -3.93 -0.30
C ASN C 226 -16.43 -4.17 0.63
N LEU C 227 -15.93 -5.41 0.62
CA LEU C 227 -14.84 -5.83 1.48
C LEU C 227 -13.47 -5.42 0.96
N ASP C 228 -13.41 -5.20 -0.35
CA ASP C 228 -12.19 -4.75 -0.98
C ASP C 228 -12.53 -3.95 -2.25
N SER C 229 -11.49 -3.55 -2.95
CA SER C 229 -11.62 -2.75 -4.15
C SER C 229 -10.64 -3.30 -5.20
N LYS C 230 -11.18 -3.69 -6.35
CA LYS C 230 -10.33 -4.24 -7.42
C LYS C 230 -10.97 -4.03 -8.77
N GLY C 231 -10.40 -4.66 -9.77
CA GLY C 231 -10.89 -4.49 -11.10
C GLY C 231 -10.80 -5.74 -11.93
N TYR C 232 -11.57 -5.74 -13.00
CA TYR C 232 -11.50 -6.74 -14.04
C TYR C 232 -10.60 -6.24 -15.16
N GLY C 233 -9.81 -7.13 -15.72
CA GLY C 233 -8.95 -6.78 -16.82
C GLY C 233 -9.17 -7.76 -17.94
N ILE C 234 -8.88 -7.30 -19.17
CA ILE C 234 -8.75 -8.21 -20.31
C ILE C 234 -7.36 -8.85 -20.22
N ALA C 235 -7.30 -10.15 -20.45
CA ALA C 235 -6.10 -10.93 -20.19
C ALA C 235 -5.59 -11.60 -21.46
N THR C 236 -4.27 -11.63 -21.58
CA THR C 236 -3.61 -12.20 -22.76
C THR C 236 -2.48 -13.04 -22.23
N PRO C 237 -1.99 -14.00 -23.03
CA PRO C 237 -0.78 -14.74 -22.64
C PRO C 237 0.42 -13.81 -22.41
N LYS C 238 1.30 -14.16 -21.49
CA LYS C 238 2.53 -13.36 -21.24
C LYS C 238 3.28 -13.11 -22.52
N GLY C 239 3.63 -11.85 -22.72
CA GLY C 239 4.41 -11.44 -23.87
C GLY C 239 3.63 -11.36 -25.17
N SER C 240 2.32 -11.64 -25.14
CA SER C 240 1.51 -11.53 -26.35
C SER C 240 1.58 -10.10 -26.92
N SER C 241 1.63 -10.07 -28.25
CA SER C 241 1.65 -8.88 -29.09
C SER C 241 0.31 -8.12 -29.13
N LEU C 242 -0.73 -8.79 -28.65
CA LEU C 242 -2.08 -8.27 -28.63
C LEU C 242 -2.29 -7.39 -27.38
N GLY C 243 -1.50 -7.64 -26.33
CA GLY C 243 -1.62 -6.98 -25.05
C GLY C 243 -1.54 -5.46 -25.09
N ASN C 244 -0.54 -4.94 -25.81
CA ASN C 244 -0.39 -3.50 -26.02
C ASN C 244 -1.64 -2.83 -26.58
N ALA C 245 -2.07 -3.28 -27.74
CA ALA C 245 -3.20 -2.67 -28.42
C ALA C 245 -4.46 -2.78 -27.61
N VAL C 246 -4.61 -3.88 -26.87
CA VAL C 246 -5.84 -4.19 -26.13
C VAL C 246 -5.96 -3.22 -24.92
N ASN C 247 -4.86 -2.99 -24.25
CA ASN C 247 -4.77 -2.01 -23.20
C ASN C 247 -5.09 -0.60 -23.70
N LEU C 248 -4.53 -0.18 -24.82
CA LEU C 248 -4.84 1.14 -25.36
C LEU C 248 -6.32 1.28 -25.74
N ALA C 249 -6.90 0.22 -26.27
CA ALA C 249 -8.34 0.17 -26.59
C ALA C 249 -9.26 0.28 -25.34
N VAL C 250 -8.90 -0.39 -24.24
CA VAL C 250 -9.61 -0.22 -22.96
C VAL C 250 -9.59 1.25 -22.56
N LEU C 251 -8.43 1.90 -22.62
CA LEU C 251 -8.32 3.33 -22.23
C LEU C 251 -9.18 4.24 -23.14
N LYS C 252 -9.15 3.97 -24.46
CA LYS C 252 -9.98 4.70 -25.42
C LYS C 252 -11.49 4.52 -25.20
N LEU C 253 -11.93 3.29 -24.98
CA LEU C 253 -13.35 3.01 -24.71
C LEU C 253 -13.81 3.70 -23.43
N ASN C 254 -12.98 3.68 -22.40
CA ASN C 254 -13.33 4.37 -21.18
C ASN C 254 -13.49 5.84 -21.43
N GLU C 255 -12.52 6.46 -22.11
CA GLU C 255 -12.57 7.88 -22.32
C GLU C 255 -13.69 8.36 -23.21
N GLN C 256 -14.07 7.55 -24.20
CA GLN C 256 -15.21 7.84 -25.05
C GLN C 256 -16.54 7.65 -24.32
N GLY C 257 -16.50 7.12 -23.10
CA GLY C 257 -17.71 6.89 -22.30
C GLY C 257 -18.47 5.61 -22.63
N LEU C 258 -17.90 4.80 -23.49
CA LEU C 258 -18.56 3.57 -23.93
C LEU C 258 -18.70 2.53 -22.78
N LEU C 259 -17.70 2.47 -21.92
CA LEU C 259 -17.72 1.54 -20.80
C LEU C 259 -18.86 1.91 -19.87
N ASP C 260 -19.02 3.22 -19.62
CA ASP C 260 -20.14 3.71 -18.82
C ASP C 260 -21.46 3.42 -19.49
N LYS C 261 -21.55 3.70 -20.79
CA LYS C 261 -22.70 3.35 -21.60
C LYS C 261 -23.07 1.88 -21.48
N LEU C 262 -22.10 0.98 -21.68
CA LEU C 262 -22.35 -0.50 -21.53
C LEU C 262 -22.76 -0.99 -20.15
N LYS C 263 -22.16 -0.45 -19.10
CA LYS C 263 -22.63 -0.78 -17.75
C LYS C 263 -24.09 -0.37 -17.61
N ASN C 264 -24.43 0.82 -18.08
CA ASN C 264 -25.83 1.25 -18.02
C ASN C 264 -26.78 0.39 -18.78
N LYS C 265 -26.37 -0.03 -19.97
CA LYS C 265 -27.17 -0.87 -20.85
C LYS C 265 -27.48 -2.19 -20.17
N TRP C 266 -26.46 -2.82 -19.59
CA TRP C 266 -26.60 -4.18 -19.08
C TRP C 266 -27.09 -4.31 -17.61
N TRP C 267 -27.01 -3.23 -16.84
CA TRP C 267 -27.37 -3.32 -15.44
C TRP C 267 -28.71 -2.66 -15.19
N TYR C 268 -28.78 -1.36 -15.50
CA TYR C 268 -29.87 -0.54 -14.98
C TYR C 268 -31.03 -0.31 -15.96
N ASP C 269 -30.74 -0.25 -17.27
CA ASP C 269 -31.79 -0.28 -18.31
C ASP C 269 -32.43 -1.68 -18.39
N LYS C 270 -31.66 -2.72 -18.01
CA LYS C 270 -32.24 -4.08 -17.93
C LYS C 270 -32.78 -4.38 -16.48
N GLY C 271 -33.43 -3.37 -15.88
CA GLY C 271 -33.89 -3.47 -14.47
C GLY C 271 -35.34 -3.89 -14.37
N GLU C 272 -35.72 -4.57 -13.27
CA GLU C 272 -37.11 -5.10 -13.08
C GLU C 272 -37.74 -4.93 -11.69
N CYS C 273 -36.98 -4.44 -10.71
CA CYS C 273 -37.40 -4.45 -9.30
C CYS C 273 -37.67 -3.05 -8.73
ZN ZN D . 5.02 -3.42 3.02
N GLU E . -5.15 13.77 -11.08
CA GLU E . -5.24 14.77 -12.21
C GLU E . -4.21 14.56 -13.29
O GLU E . -4.12 15.36 -14.22
CB GLU E . -5.14 16.23 -11.72
CG GLU E . -6.37 16.81 -11.05
CD GLU E . -7.49 17.13 -12.00
OE1 GLU E . -8.64 17.24 -11.54
OE2 GLU E . -7.24 17.28 -13.21
OXT GLU E . -3.45 13.57 -13.27
ZN ZN F . 32.66 19.93 24.58
ZN ZN G . 40.14 1.63 34.55
N GLU H . 21.93 -4.62 20.05
CA GLU H . 21.21 -5.11 18.87
C GLU H . 22.20 -5.72 17.90
O GLU H . 21.82 -6.03 16.79
CB GLU H . 20.46 -3.92 18.18
CG GLU H . 19.14 -3.50 18.83
CD GLU H . 18.00 -4.50 18.62
OE1 GLU H . 17.01 -4.48 19.39
OE2 GLU H . 18.08 -5.33 17.69
OXT GLU H . 23.38 -5.93 18.15
O21 1YW I . 24.40 -14.80 25.66
C22 1YW I . 25.03 -15.53 26.44
C20 1YW I . 26.52 -15.74 26.31
N19 1YW I . 24.46 -16.19 27.50
C18 1YW I . 23.06 -16.16 27.84
C17 1YW I . 22.75 -15.40 29.12
O8 1YW I . 23.27 -15.99 30.29
C9 1YW I . 23.40 -14.04 29.14
C6 1YW I . 24.33 -14.12 30.31
N10 1YW I . 24.26 -15.25 30.85
C4 1YW I . 25.21 -12.98 30.75
C2 1YW I . 26.16 -13.15 31.78
C5 1YW I . 25.08 -11.74 30.15
C3 1YW I . 25.88 -10.69 30.55
F7 1YW I . 25.72 -9.51 29.94
C11 1YW I . 26.83 -10.83 31.56
C1 1YW I . 26.96 -12.08 32.17
N15 1YW I . 27.62 -9.72 31.94
C13 1YW I . 28.46 -9.74 33.13
C14 1YW I . 27.63 -8.44 31.21
C16 1YW I . 28.45 -7.55 32.10
C12 1YW I . 29.10 -8.40 33.17
ZN ZN J . -5.07 -31.23 -7.00
ZN ZN K . -15.67 2.02 -30.53
N GLU L . -14.15 -12.39 -11.02
CA GLU L . -13.69 -13.60 -10.25
C GLU L . -12.40 -14.16 -10.78
O GLU L . -11.92 -15.17 -10.25
CB GLU L . -14.74 -14.76 -10.22
CG GLU L . -15.93 -14.56 -9.31
CD GLU L . -15.65 -14.64 -7.80
OE1 GLU L . -16.49 -14.11 -6.99
OE2 GLU L . -14.60 -15.16 -7.41
OXT GLU L . -11.79 -13.61 -11.71
O21 1YW M . -9.80 3.97 -16.06
O21 1YW M . -6.57 -3.72 -7.94
C22 1YW M . -9.84 2.77 -16.25
C22 1YW M . -6.18 -2.62 -8.30
C20 1YW M . -8.57 1.99 -16.42
C20 1YW M . -5.43 -2.42 -9.57
N19 1YW M . -10.97 2.04 -16.29
N19 1YW M . -6.35 -1.48 -7.60
C18 1YW M . -12.27 2.58 -16.04
C18 1YW M . -7.02 -1.43 -6.34
C17 1YW M . -12.85 2.02 -14.75
C17 1YW M . -8.07 -0.34 -6.35
O8 1YW M . -12.79 0.59 -14.75
O8 1YW M . -7.51 0.94 -6.70
C9 1YW M . -11.95 2.40 -13.56
C9 1YW M . -9.06 -0.64 -7.47
C6 1YW M . -11.50 1.05 -13.07
C6 1YW M . -8.80 0.53 -8.38
N10 1YW M . -11.94 0.12 -13.80
N10 1YW M . -7.99 1.35 -7.90
C4 1YW M . -10.73 0.83 -11.81
C4 1YW M . -9.52 0.73 -9.68
C2 1YW M . -10.61 -0.47 -11.27
C2 1YW M . -9.39 1.94 -10.36
C5 1YW M . -10.15 1.89 -11.15
C5 1YW M . -10.34 -0.26 -10.19
C3 1YW M . -9.44 1.68 -9.97
C3 1YW M . -11.03 -0.03 -11.39
F7 1YW M . -8.87 2.73 -9.36
F7 1YW M . -11.82 -1.01 -11.89
C11 1YW M . -9.31 0.41 -9.43
C11 1YW M . -10.89 1.17 -12.09
C1 1YW M . -9.91 -0.67 -10.09
C1 1YW M . -10.06 2.17 -11.56
N15 1YW M . -8.62 0.23 -8.21
N15 1YW M . -11.60 1.37 -13.29
C13 1YW M . -8.16 -1.09 -7.79
C13 1YW M . -11.28 2.36 -14.30
C14 1YW M . -8.45 1.31 -7.26
C14 1YW M . -12.80 0.57 -13.55
C16 1YW M . -8.10 0.56 -5.96
C16 1YW M . -13.58 1.42 -14.53
C12 1YW M . -7.68 -0.85 -6.37
C12 1YW M . -12.59 2.43 -15.11
#